data_4RQO
#
_entry.id   4RQO
#
_cell.length_a   81.390
_cell.length_b   81.390
_cell.length_c   267.521
_cell.angle_alpha   90.00
_cell.angle_beta   90.00
_cell.angle_gamma   120.00
#
_symmetry.space_group_name_H-M   'P 31 2 1'
#
loop_
_entity.id
_entity.type
_entity.pdbx_description
1 polymer 'L-serine dehydratase'
2 non-polymer 'IRON/SULFUR CLUSTER'
3 non-polymer 'CHLORIDE ION'
4 water water
#
_entity_poly.entity_id   1
_entity_poly.type   'polypeptide(L)'
_entity_poly.pdbx_seq_one_letter_code
;(MSE)GSSHHHHHHENLYFQGS(MSE)NISVFDLFSIGIGPSSSHTVGP(MSE)LAANAFLQLLEQKNLFDKTQRVKVEL
YGSLALTGKGHGTDKAILNGLENKAPETVDPAS(MSE)IPR(MSE)HEILDSNLLNLAGKKEIPFHEATDFLFLQKELLP
KHSNG(MSE)RFSAFDGNANLLIEQVYYSIGGGFITTEEDFDKSTTDTNPPPYPFATATELLKLCKKHHLTIAEL(MSE)
LVNEKTWRSTAEIHKGILDIAKV(MSE)DDCINNGCKHDGVLPGGLNLKRRAPDLYRKLIEQKGVKSVFEQSDI(MSE)N
HLNLYA(MSE)AVNEENAAGGRIVTAPTNGAAGIIPAVLKYCQQAHDR(MSE)SNEDIYTYFLTAAAIGILYKKGASISG
AEVGCQGEVGVASS(MSE)AAAGLTAVLGGTIEQVENAAEIA(MSE)EHHLG(MSE)TCDPVLGLVQIPCIERNA(MSE)
GAVKAVNATR(MSE)ALIGDGQHQISLDKVIKT(MSE)KQTG(MSE)D(MSE)QSIYKETS(MSE)GGLAVNLPEC
;
_entity_poly.pdbx_strand_id   A,B
#
loop_
_chem_comp.id
_chem_comp.type
_chem_comp.name
_chem_comp.formula
CL non-polymer 'CHLORIDE ION' 'Cl -1'
SF4 non-polymer 'IRON/SULFUR CLUSTER' 'Fe4 S4'
#
# COMPACT_ATOMS: atom_id res chain seq x y z
N ASN A 20 -26.54 -6.50 -11.34
CA ASN A 20 -26.72 -6.28 -9.92
C ASN A 20 -25.90 -7.28 -9.16
N ILE A 21 -25.53 -6.92 -7.95
CA ILE A 21 -24.55 -7.70 -7.25
C ILE A 21 -25.02 -7.94 -5.85
N SER A 22 -24.74 -9.14 -5.40
CA SER A 22 -25.27 -9.62 -4.17
C SER A 22 -24.10 -9.94 -3.29
N VAL A 23 -24.31 -9.85 -1.99
CA VAL A 23 -23.36 -10.32 -1.01
C VAL A 23 -22.89 -11.69 -1.36
N PHE A 24 -23.81 -12.52 -1.85
CA PHE A 24 -23.50 -13.93 -2.20
C PHE A 24 -22.76 -14.06 -3.52
N ASP A 25 -22.74 -13.00 -4.33
CA ASP A 25 -21.82 -12.98 -5.48
C ASP A 25 -20.35 -12.84 -5.07
N LEU A 26 -20.09 -12.09 -4.00
CA LEU A 26 -18.74 -11.77 -3.64
C LEU A 26 -18.16 -12.84 -2.73
N PHE A 27 -19.01 -13.52 -1.95
CA PHE A 27 -18.59 -14.56 -1.01
C PHE A 27 -19.22 -15.92 -1.37
N SER A 28 -18.50 -16.74 -2.13
CA SER A 28 -19.02 -18.02 -2.64
C SER A 28 -18.12 -19.14 -2.16
N ILE A 29 -18.74 -20.26 -1.76
CA ILE A 29 -18.00 -21.38 -1.19
C ILE A 29 -17.44 -22.20 -2.34
N GLY A 30 -16.16 -22.50 -2.29
CA GLY A 30 -15.54 -23.28 -3.35
C GLY A 30 -14.29 -23.97 -2.87
N ILE A 31 -13.33 -24.02 -3.79
CA ILE A 31 -12.09 -24.71 -3.61
C ILE A 31 -10.95 -23.89 -4.21
N GLY A 32 -9.75 -23.96 -3.63
CA GLY A 32 -8.58 -23.22 -4.12
C GLY A 32 -7.77 -23.98 -5.16
N PRO A 33 -6.72 -23.36 -5.72
CA PRO A 33 -6.16 -22.04 -5.39
C PRO A 33 -6.74 -20.81 -6.05
N SER A 34 -7.57 -20.98 -7.07
CA SER A 34 -7.90 -19.89 -7.96
C SER A 34 -9.34 -19.89 -8.37
N SER A 35 -10.00 -18.77 -8.14
CA SER A 35 -11.31 -18.52 -8.73
C SER A 35 -11.30 -18.58 -10.25
N SER A 36 -10.37 -17.94 -10.90
CA SER A 36 -10.42 -17.90 -12.36
C SER A 36 -9.96 -19.19 -13.02
N HIS A 37 -9.03 -19.88 -12.40
CA HIS A 37 -8.37 -21.02 -13.02
C HIS A 37 -8.74 -22.38 -12.53
N THR A 38 -9.32 -22.44 -11.35
CA THR A 38 -9.73 -23.71 -10.72
C THR A 38 -11.27 -23.75 -10.60
N VAL A 39 -11.89 -22.80 -9.89
CA VAL A 39 -13.35 -22.88 -9.66
C VAL A 39 -14.17 -22.69 -10.93
N GLY A 40 -13.82 -21.69 -11.73
CA GLY A 40 -14.45 -21.39 -12.99
C GLY A 40 -14.44 -22.56 -13.97
N PRO A 41 -13.26 -23.02 -14.34
CA PRO A 41 -13.20 -24.19 -15.27
C PRO A 41 -13.95 -25.48 -14.74
N MSE A 42 -13.93 -25.72 -13.44
CA MSE A 42 -14.76 -26.74 -12.84
C MSE A 42 -16.23 -26.51 -13.11
O MSE A 42 -16.91 -27.47 -13.51
CB MSE A 42 -14.48 -26.90 -11.37
CG MSE A 42 -14.85 -28.29 -10.89
SE MSE A 42 -14.18 -28.47 -9.07
CE MSE A 42 -14.90 -30.29 -8.76
N LEU A 43 -16.73 -25.29 -12.94
CA LEU A 43 -18.14 -25.01 -13.23
C LEU A 43 -18.44 -24.99 -14.73
N ALA A 44 -17.45 -24.75 -15.56
CA ALA A 44 -17.65 -24.90 -16.97
C ALA A 44 -17.88 -26.39 -17.38
N ALA A 45 -17.16 -27.29 -16.74
CA ALA A 45 -17.25 -28.68 -17.10
C ALA A 45 -18.62 -29.10 -16.64
N ASN A 46 -18.94 -28.84 -15.37
CA ASN A 46 -20.29 -29.04 -14.84
C ASN A 46 -21.34 -28.55 -15.83
N ALA A 47 -21.17 -27.34 -16.33
CA ALA A 47 -22.14 -26.82 -17.30
C ALA A 47 -22.15 -27.58 -18.62
N PHE A 48 -21.01 -28.15 -19.01
CA PHE A 48 -20.93 -28.83 -20.31
C PHE A 48 -21.66 -30.19 -20.24
N LEU A 49 -21.57 -30.81 -19.08
CA LEU A 49 -22.35 -32.01 -18.86
C LEU A 49 -23.84 -31.69 -18.96
N GLN A 50 -24.28 -30.63 -18.26
CA GLN A 50 -25.67 -30.17 -18.39
C GLN A 50 -26.06 -29.79 -19.84
N LEU A 51 -25.13 -29.33 -20.64
CA LEU A 51 -25.42 -29.05 -22.05
C LEU A 51 -25.55 -30.35 -22.85
N LEU A 52 -24.93 -31.43 -22.36
CA LEU A 52 -25.03 -32.70 -23.06
C LEU A 52 -26.35 -33.39 -22.68
N GLU A 53 -26.76 -33.25 -21.42
CA GLU A 53 -28.10 -33.66 -21.03
C GLU A 53 -29.18 -32.87 -21.80
N GLN A 54 -29.01 -31.56 -21.95
CA GLN A 54 -30.06 -30.70 -22.47
C GLN A 54 -30.27 -30.98 -23.95
N LYS A 55 -29.19 -31.05 -24.71
CA LYS A 55 -29.29 -31.32 -26.13
C LYS A 55 -29.36 -32.84 -26.39
N ASN A 56 -29.44 -33.61 -25.31
CA ASN A 56 -29.59 -35.05 -25.36
C ASN A 56 -28.53 -35.67 -26.28
N LEU A 57 -27.27 -35.28 -26.07
CA LEU A 57 -26.12 -35.84 -26.78
C LEU A 57 -25.22 -36.64 -25.86
N PHE A 58 -25.61 -36.87 -24.62
CA PHE A 58 -24.81 -37.64 -23.63
C PHE A 58 -24.73 -39.15 -23.90
N ASP A 59 -25.84 -39.71 -24.39
CA ASP A 59 -25.91 -41.12 -24.83
C ASP A 59 -24.91 -41.39 -25.95
N LYS A 60 -24.87 -40.52 -26.97
CA LYS A 60 -23.97 -40.67 -28.10
C LYS A 60 -22.51 -40.31 -27.81
N THR A 61 -22.26 -39.72 -26.63
CA THR A 61 -20.93 -39.23 -26.31
C THR A 61 -19.98 -40.38 -25.95
N GLN A 62 -18.90 -40.49 -26.73
CA GLN A 62 -17.85 -41.51 -26.50
C GLN A 62 -16.44 -40.90 -26.21
N ARG A 63 -16.29 -39.62 -26.49
CA ARG A 63 -15.06 -38.89 -26.26
C ARG A 63 -15.39 -37.45 -25.87
N VAL A 64 -14.75 -36.96 -24.81
CA VAL A 64 -14.73 -35.54 -24.51
C VAL A 64 -13.33 -35.03 -24.69
N LYS A 65 -13.22 -33.79 -25.14
CA LYS A 65 -11.95 -33.18 -25.45
C LYS A 65 -11.93 -31.78 -24.81
N VAL A 66 -10.86 -31.47 -24.08
CA VAL A 66 -10.70 -30.13 -23.51
C VAL A 66 -9.48 -29.44 -24.06
N GLU A 67 -9.66 -28.19 -24.48
CA GLU A 67 -8.56 -27.33 -24.92
C GLU A 67 -8.50 -26.06 -24.05
N LEU A 68 -7.33 -25.76 -23.50
CA LEU A 68 -7.15 -24.61 -22.62
C LEU A 68 -6.38 -23.59 -23.42
N TYR A 69 -6.86 -22.37 -23.40
CA TYR A 69 -6.28 -21.27 -24.14
C TYR A 69 -5.71 -20.19 -23.21
N GLY A 70 -4.64 -19.57 -23.69
CA GLY A 70 -4.16 -18.29 -23.21
C GLY A 70 -3.67 -18.35 -21.78
N SER A 71 -4.16 -17.43 -20.99
CA SER A 71 -3.67 -17.26 -19.65
C SER A 71 -4.15 -18.43 -18.77
N LEU A 72 -5.19 -19.11 -19.26
CA LEU A 72 -5.72 -20.28 -18.60
C LEU A 72 -4.77 -21.49 -18.75
N ALA A 73 -4.19 -21.64 -19.92
CA ALA A 73 -3.22 -22.68 -20.19
C ALA A 73 -1.89 -22.34 -19.54
N LEU A 74 -1.49 -21.09 -19.66
CA LEU A 74 -0.18 -20.67 -19.19
C LEU A 74 0.07 -21.15 -17.77
N THR A 75 -0.89 -20.94 -16.91
CA THR A 75 -0.72 -21.21 -15.49
C THR A 75 -1.67 -22.25 -14.93
N GLY A 76 -2.45 -22.90 -15.81
CA GLY A 76 -3.48 -23.84 -15.36
C GLY A 76 -2.91 -25.02 -14.59
N LYS A 77 -1.75 -25.49 -14.99
CA LYS A 77 -1.16 -26.61 -14.26
C LYS A 77 -0.87 -26.22 -12.79
N GLY A 78 -0.21 -25.07 -12.59
CA GLY A 78 0.04 -24.61 -11.22
C GLY A 78 -1.25 -24.33 -10.45
N HIS A 79 -2.34 -24.05 -11.14
CA HIS A 79 -3.59 -23.76 -10.48
C HIS A 79 -4.51 -24.95 -10.44
N GLY A 80 -3.98 -26.10 -10.86
CA GLY A 80 -4.76 -27.32 -10.89
C GLY A 80 -5.99 -27.27 -11.78
N THR A 81 -5.93 -26.52 -12.89
CA THR A 81 -7.06 -26.42 -13.81
C THR A 81 -7.41 -27.77 -14.40
N ASP A 82 -6.39 -28.59 -14.63
CA ASP A 82 -6.59 -29.93 -15.17
C ASP A 82 -7.36 -30.77 -14.15
N LYS A 83 -6.87 -30.78 -12.93
CA LYS A 83 -7.48 -31.51 -11.84
C LYS A 83 -8.94 -31.11 -11.72
N ALA A 84 -9.16 -29.79 -11.73
CA ALA A 84 -10.49 -29.26 -11.64
C ALA A 84 -11.41 -29.68 -12.80
N ILE A 85 -10.96 -29.55 -14.02
CA ILE A 85 -11.78 -29.91 -15.15
C ILE A 85 -12.14 -31.42 -15.16
N LEU A 86 -11.18 -32.31 -14.91
CA LEU A 86 -11.41 -33.76 -14.87
C LEU A 86 -12.38 -34.15 -13.76
N ASN A 87 -12.23 -33.65 -12.54
CA ASN A 87 -13.27 -33.91 -11.53
C ASN A 87 -14.64 -33.28 -11.90
N GLY A 88 -14.63 -32.16 -12.60
CA GLY A 88 -15.84 -31.47 -13.03
C GLY A 88 -16.56 -32.20 -14.18
N LEU A 89 -15.78 -32.86 -15.04
CA LEU A 89 -16.33 -33.75 -16.02
C LEU A 89 -16.94 -35.02 -15.36
N GLU A 90 -16.54 -35.37 -14.15
CA GLU A 90 -17.26 -36.42 -13.40
C GLU A 90 -18.42 -35.90 -12.54
N ASN A 91 -18.92 -34.68 -12.84
CA ASN A 91 -19.92 -34.00 -12.05
C ASN A 91 -19.49 -33.76 -10.58
N LYS A 92 -18.18 -33.59 -10.32
CA LYS A 92 -17.81 -32.99 -9.04
C LYS A 92 -17.97 -31.50 -9.18
N ALA A 93 -18.42 -30.90 -8.09
CA ALA A 93 -18.68 -29.44 -8.06
C ALA A 93 -17.85 -28.75 -6.93
N PRO A 94 -17.32 -27.57 -7.22
CA PRO A 94 -16.33 -26.89 -6.35
C PRO A 94 -16.79 -26.61 -4.96
N GLU A 95 -18.09 -26.34 -4.82
CA GLU A 95 -18.69 -26.11 -3.52
C GLU A 95 -18.61 -27.32 -2.60
N THR A 96 -18.73 -28.53 -3.17
CA THR A 96 -18.90 -29.74 -2.33
C THR A 96 -17.79 -30.81 -2.41
N VAL A 97 -17.15 -30.98 -3.56
CA VAL A 97 -16.04 -31.97 -3.64
C VAL A 97 -15.28 -32.11 -2.33
N ASP A 98 -14.88 -33.33 -2.03
CA ASP A 98 -13.82 -33.56 -1.08
C ASP A 98 -12.50 -33.13 -1.73
N PRO A 99 -11.82 -32.12 -1.16
CA PRO A 99 -10.61 -31.61 -1.83
C PRO A 99 -9.47 -32.59 -1.83
N ALA A 100 -9.43 -33.40 -0.77
CA ALA A 100 -8.47 -34.49 -0.61
C ALA A 100 -8.63 -35.58 -1.69
N SER A 101 -9.77 -35.63 -2.35
CA SER A 101 -10.02 -36.60 -3.39
C SER A 101 -9.62 -36.11 -4.79
N MSE A 102 -9.22 -34.85 -4.94
CA MSE A 102 -8.92 -34.29 -6.28
C MSE A 102 -7.68 -34.83 -6.97
O MSE A 102 -7.69 -35.10 -8.16
CB MSE A 102 -8.70 -32.77 -6.18
CG MSE A 102 -9.90 -31.96 -5.65
SE MSE A 102 -10.97 -31.26 -7.17
CE MSE A 102 -9.86 -29.79 -7.84
N ILE A 103 -6.57 -34.92 -6.25
CA ILE A 103 -5.33 -35.41 -6.83
C ILE A 103 -5.41 -36.94 -7.17
N PRO A 104 -5.75 -37.80 -6.19
CA PRO A 104 -5.83 -39.24 -6.45
C PRO A 104 -6.77 -39.58 -7.61
N ARG A 105 -7.95 -38.95 -7.62
CA ARG A 105 -8.94 -39.17 -8.67
C ARG A 105 -8.45 -38.75 -10.05
N MSE A 106 -7.65 -37.70 -10.11
CA MSE A 106 -7.05 -37.33 -11.39
C MSE A 106 -6.01 -38.35 -11.80
O MSE A 106 -5.89 -38.68 -12.98
CB MSE A 106 -6.41 -35.94 -11.32
CG MSE A 106 -5.43 -35.75 -12.49
SE MSE A 106 -4.52 -34.00 -12.43
CE MSE A 106 -3.09 -34.26 -11.09
N HIS A 107 -5.21 -38.81 -10.87
CA HIS A 107 -4.20 -39.82 -11.19
C HIS A 107 -4.84 -41.09 -11.78
N GLU A 108 -5.94 -41.53 -11.15
CA GLU A 108 -6.66 -42.71 -11.60
C GLU A 108 -7.23 -42.52 -13.00
N ILE A 109 -7.82 -41.36 -13.29
CA ILE A 109 -8.32 -41.08 -14.63
C ILE A 109 -7.23 -41.20 -15.67
N LEU A 110 -6.10 -40.54 -15.43
CA LEU A 110 -4.97 -40.51 -16.36
C LEU A 110 -4.20 -41.83 -16.41
N ASP A 111 -4.06 -42.52 -15.28
CA ASP A 111 -3.39 -43.82 -15.30
C ASP A 111 -4.28 -44.88 -15.99
N SER A 112 -5.59 -44.83 -15.84
CA SER A 112 -6.45 -45.88 -16.40
C SER A 112 -6.96 -45.53 -17.79
N ASN A 113 -6.64 -44.34 -18.28
CA ASN A 113 -7.18 -43.83 -19.57
C ASN A 113 -8.69 -43.91 -19.63
N LEU A 114 -9.36 -43.70 -18.51
CA LEU A 114 -10.80 -43.83 -18.48
C LEU A 114 -11.48 -42.70 -17.66
N LEU A 115 -12.34 -41.93 -18.32
CA LEU A 115 -13.07 -40.84 -17.69
C LEU A 115 -14.49 -41.20 -17.35
N ASN A 116 -14.83 -41.25 -16.04
CA ASN A 116 -16.23 -41.52 -15.64
C ASN A 116 -17.17 -40.33 -15.80
N LEU A 117 -17.47 -40.00 -17.04
CA LEU A 117 -18.30 -38.87 -17.40
C LEU A 117 -19.61 -38.70 -16.60
N ALA A 118 -19.77 -37.55 -15.95
CA ALA A 118 -20.97 -37.23 -15.19
C ALA A 118 -21.28 -38.23 -14.07
N GLY A 119 -20.29 -39.04 -13.66
CA GLY A 119 -20.53 -40.13 -12.69
C GLY A 119 -21.31 -41.35 -13.21
N LYS A 120 -21.88 -41.24 -14.41
CA LYS A 120 -22.77 -42.26 -15.00
C LYS A 120 -22.02 -43.31 -15.82
N LYS A 121 -21.34 -42.84 -16.89
CA LYS A 121 -20.82 -43.66 -18.00
C LYS A 121 -19.31 -43.53 -18.19
N GLU A 122 -18.59 -44.65 -18.23
CA GLU A 122 -17.12 -44.68 -18.33
C GLU A 122 -16.68 -44.65 -19.79
N ILE A 123 -15.86 -43.66 -20.18
CA ILE A 123 -15.41 -43.54 -21.58
C ILE A 123 -13.89 -43.53 -21.60
N PRO A 124 -13.30 -43.80 -22.80
CA PRO A 124 -11.86 -43.72 -22.94
C PRO A 124 -11.46 -42.29 -22.75
N PHE A 125 -10.28 -42.05 -22.18
CA PHE A 125 -9.76 -40.69 -22.11
C PHE A 125 -8.26 -40.71 -22.30
N HIS A 126 -7.80 -40.12 -23.41
CA HIS A 126 -6.37 -40.08 -23.76
C HIS A 126 -5.84 -38.65 -23.73
N GLU A 127 -5.06 -38.32 -22.72
CA GLU A 127 -4.69 -36.93 -22.55
C GLU A 127 -3.97 -36.32 -23.76
N ALA A 128 -3.15 -37.07 -24.48
CA ALA A 128 -2.42 -36.49 -25.62
C ALA A 128 -3.34 -35.95 -26.71
N THR A 129 -4.55 -36.52 -26.88
CA THR A 129 -5.57 -35.94 -27.81
C THR A 129 -6.72 -35.22 -27.15
N ASP A 130 -7.05 -35.59 -25.92
CA ASP A 130 -8.25 -35.05 -25.23
C ASP A 130 -8.02 -33.99 -24.11
N PHE A 131 -6.76 -33.60 -23.82
CA PHE A 131 -6.50 -32.50 -22.90
C PHE A 131 -5.37 -31.62 -23.36
N LEU A 132 -5.68 -30.50 -24.02
CA LEU A 132 -4.64 -29.69 -24.67
C LEU A 132 -4.42 -28.34 -23.99
N PHE A 133 -3.16 -27.97 -23.82
CA PHE A 133 -2.77 -26.70 -23.26
C PHE A 133 -2.26 -25.98 -24.46
N LEU A 134 -2.96 -24.92 -24.86
CA LEU A 134 -2.59 -24.16 -26.00
C LEU A 134 -2.14 -22.75 -25.53
N GLN A 135 -0.96 -22.74 -24.89
CA GLN A 135 -0.38 -21.50 -24.28
C GLN A 135 -0.21 -20.31 -25.26
N LYS A 136 0.04 -20.58 -26.55
CA LYS A 136 0.41 -19.52 -27.53
C LYS A 136 -0.77 -18.97 -28.31
N GLU A 137 -1.97 -19.49 -28.07
CA GLU A 137 -3.15 -19.05 -28.83
C GLU A 137 -4.17 -18.40 -27.90
N LEU A 138 -5.02 -17.54 -28.47
CA LEU A 138 -6.04 -16.85 -27.69
C LEU A 138 -7.42 -17.06 -28.32
N LEU A 139 -8.46 -17.18 -27.49
CA LEU A 139 -9.80 -17.00 -27.96
C LEU A 139 -10.08 -15.49 -27.97
N PRO A 140 -11.01 -15.03 -28.82
CA PRO A 140 -11.08 -13.61 -29.18
C PRO A 140 -11.58 -12.68 -28.09
N LYS A 141 -12.56 -13.11 -27.30
CA LYS A 141 -13.12 -12.23 -26.25
C LYS A 141 -12.15 -11.91 -25.08
N HIS A 142 -11.63 -12.95 -24.45
CA HIS A 142 -10.95 -12.88 -23.18
C HIS A 142 -9.82 -13.90 -23.17
N SER A 143 -8.87 -13.68 -22.28
CA SER A 143 -7.68 -14.48 -22.23
C SER A 143 -7.88 -15.82 -21.53
N ASN A 144 -8.85 -15.90 -20.59
CA ASN A 144 -9.20 -17.16 -19.91
C ASN A 144 -10.33 -17.95 -20.56
N GLY A 145 -10.04 -18.53 -21.71
CA GLY A 145 -11.03 -19.29 -22.45
C GLY A 145 -10.69 -20.77 -22.63
N MSE A 146 -11.76 -21.59 -22.65
CA MSE A 146 -11.70 -23.01 -22.90
C MSE A 146 -12.69 -23.48 -23.94
O MSE A 146 -13.69 -22.83 -24.19
CB MSE A 146 -12.22 -23.75 -21.68
CG MSE A 146 -11.60 -23.34 -20.40
SE MSE A 146 -12.95 -23.81 -19.09
CE MSE A 146 -13.30 -21.95 -18.51
N ARG A 147 -12.46 -24.68 -24.50
CA ARG A 147 -13.48 -25.33 -25.36
C ARG A 147 -13.65 -26.77 -24.99
N PHE A 148 -14.89 -27.17 -24.69
CA PHE A 148 -15.22 -28.57 -24.51
C PHE A 148 -15.91 -29.07 -25.78
N SER A 149 -15.40 -30.18 -26.29
CA SER A 149 -15.99 -30.89 -27.43
C SER A 149 -16.38 -32.28 -26.99
N ALA A 150 -17.52 -32.75 -27.47
CA ALA A 150 -17.88 -34.17 -27.31
C ALA A 150 -18.00 -34.82 -28.68
N PHE A 151 -17.51 -36.06 -28.80
CA PHE A 151 -17.50 -36.80 -30.07
C PHE A 151 -18.14 -38.19 -29.87
N ASP A 152 -18.63 -38.79 -30.98
CA ASP A 152 -19.23 -40.14 -30.92
C ASP A 152 -18.23 -41.23 -31.26
N GLY A 153 -18.67 -42.49 -31.17
CA GLY A 153 -17.83 -43.67 -31.45
C GLY A 153 -17.10 -43.69 -32.79
N ASN A 154 -17.55 -42.90 -33.75
CA ASN A 154 -16.93 -42.84 -35.08
C ASN A 154 -16.09 -41.58 -35.34
N ALA A 155 -15.76 -40.83 -34.27
CA ALA A 155 -14.91 -39.65 -34.37
C ALA A 155 -15.57 -38.47 -35.12
N ASN A 156 -16.88 -38.26 -34.89
CA ASN A 156 -17.66 -37.12 -35.43
C ASN A 156 -18.11 -36.18 -34.31
N LEU A 157 -17.90 -34.88 -34.54
CA LEU A 157 -18.23 -33.86 -33.57
C LEU A 157 -19.75 -33.79 -33.28
N LEU A 158 -20.13 -34.19 -32.07
CA LEU A 158 -21.49 -34.00 -31.55
C LEU A 158 -21.80 -32.55 -31.20
N ILE A 159 -20.84 -31.83 -30.57
CA ILE A 159 -21.06 -30.46 -30.11
C ILE A 159 -19.81 -29.96 -29.42
N GLU A 160 -19.45 -28.70 -29.71
CA GLU A 160 -18.37 -27.99 -29.04
C GLU A 160 -18.90 -26.69 -28.42
N GLN A 161 -18.32 -26.26 -27.31
CA GLN A 161 -18.78 -25.09 -26.55
C GLN A 161 -17.61 -24.38 -25.86
N VAL A 162 -17.38 -23.12 -26.26
CA VAL A 162 -16.40 -22.24 -25.67
C VAL A 162 -16.93 -21.62 -24.38
N TYR A 163 -16.14 -21.70 -23.31
CA TYR A 163 -16.39 -20.96 -22.09
C TYR A 163 -15.24 -20.01 -21.79
N TYR A 164 -15.57 -18.90 -21.14
CA TYR A 164 -14.59 -17.98 -20.61
C TYR A 164 -14.78 -17.93 -19.11
N SER A 165 -13.67 -17.97 -18.37
CA SER A 165 -13.69 -17.79 -16.93
C SER A 165 -13.26 -16.33 -16.64
N ILE A 166 -14.19 -15.51 -16.19
CA ILE A 166 -13.99 -14.03 -16.19
C ILE A 166 -13.83 -13.40 -14.79
N GLY A 167 -13.70 -14.23 -13.75
CA GLY A 167 -13.20 -13.82 -12.46
C GLY A 167 -14.21 -14.18 -11.42
N GLY A 168 -13.71 -14.49 -10.24
CA GLY A 168 -14.59 -14.78 -9.11
C GLY A 168 -15.22 -16.16 -9.24
N GLY A 169 -14.79 -16.90 -10.26
CA GLY A 169 -15.41 -18.19 -10.58
C GLY A 169 -16.64 -18.09 -11.49
N PHE A 170 -16.94 -16.90 -11.97
CA PHE A 170 -18.06 -16.72 -12.84
C PHE A 170 -17.63 -17.15 -14.24
N ILE A 171 -18.57 -17.74 -14.96
CA ILE A 171 -18.35 -18.11 -16.36
C ILE A 171 -19.42 -17.59 -17.30
N THR A 172 -19.01 -17.47 -18.55
CA THR A 172 -19.91 -17.15 -19.64
C THR A 172 -19.53 -17.91 -20.94
N THR A 173 -20.54 -18.31 -21.69
CA THR A 173 -20.33 -18.90 -23.03
C THR A 173 -19.86 -17.84 -23.99
N GLU A 174 -19.44 -18.26 -25.18
CA GLU A 174 -18.95 -17.31 -26.16
C GLU A 174 -20.04 -16.39 -26.72
N GLU A 175 -21.25 -16.90 -26.86
CA GLU A 175 -22.30 -16.10 -27.46
C GLU A 175 -22.81 -15.11 -26.42
N ASP A 176 -22.87 -15.52 -25.16
CA ASP A 176 -23.31 -14.66 -24.08
C ASP A 176 -22.29 -13.67 -23.49
N PHE A 177 -21.05 -13.63 -24.01
CA PHE A 177 -19.99 -12.76 -23.45
C PHE A 177 -20.32 -11.27 -23.56
N ASP A 178 -20.42 -10.77 -24.80
CA ASP A 178 -20.71 -9.37 -25.08
C ASP A 178 -22.20 -9.04 -24.84
N LYS A 179 -22.66 -9.13 -23.58
CA LYS A 179 -24.06 -8.83 -23.24
C LYS A 179 -24.21 -8.43 -21.76
N ASN A 185 -33.64 -8.34 -12.12
CA ASN A 185 -34.57 -7.24 -11.79
C ASN A 185 -34.21 -6.47 -10.48
N PRO A 186 -34.38 -5.13 -10.53
CA PRO A 186 -33.56 -4.19 -9.79
C PRO A 186 -34.01 -3.94 -8.36
N PRO A 187 -33.07 -3.72 -7.44
CA PRO A 187 -33.42 -3.50 -6.05
C PRO A 187 -33.89 -2.08 -5.84
N PRO A 188 -34.48 -1.82 -4.66
CA PRO A 188 -35.16 -0.53 -4.46
C PRO A 188 -34.22 0.69 -4.27
N TYR A 189 -32.98 0.44 -3.83
CA TYR A 189 -32.00 1.50 -3.54
C TYR A 189 -30.70 1.16 -4.26
N PRO A 190 -30.70 1.27 -5.59
CA PRO A 190 -29.45 0.96 -6.27
C PRO A 190 -28.45 2.09 -6.01
N PHE A 191 -27.16 1.78 -5.90
CA PHE A 191 -26.12 2.81 -5.77
C PHE A 191 -24.91 2.46 -6.59
N ALA A 192 -24.31 3.50 -7.15
CA ALA A 192 -23.16 3.36 -8.03
C ALA A 192 -21.92 4.11 -7.51
N THR A 193 -22.08 4.94 -6.47
CA THR A 193 -20.96 5.71 -5.93
C THR A 193 -20.99 5.75 -4.41
N ALA A 194 -19.84 6.10 -3.86
CA ALA A 194 -19.71 6.31 -2.44
C ALA A 194 -20.67 7.40 -1.98
N THR A 195 -20.69 8.46 -2.77
CA THR A 195 -21.59 9.61 -2.60
C THR A 195 -23.07 9.20 -2.55
N GLU A 196 -23.52 8.38 -3.51
CA GLU A 196 -24.93 7.89 -3.58
C GLU A 196 -25.25 7.07 -2.36
N LEU A 197 -24.36 6.15 -2.04
CA LEU A 197 -24.61 5.33 -0.88
C LEU A 197 -24.81 6.19 0.34
N LEU A 198 -23.99 7.21 0.56
CA LEU A 198 -24.28 8.18 1.67
C LEU A 198 -25.64 8.89 1.57
N LYS A 199 -25.94 9.53 0.43
CA LYS A 199 -27.23 10.21 0.27
C LYS A 199 -28.45 9.31 0.61
N LEU A 200 -28.44 8.08 0.08
CA LEU A 200 -29.54 7.12 0.30
C LEU A 200 -29.65 6.72 1.77
N CYS A 201 -28.52 6.50 2.42
CA CYS A 201 -28.53 6.19 3.84
C CYS A 201 -29.13 7.36 4.66
N LYS A 202 -28.74 8.60 4.38
CA LYS A 202 -29.24 9.74 5.18
C LYS A 202 -30.72 9.96 4.94
N LYS A 203 -31.08 9.95 3.66
CA LYS A 203 -32.47 10.14 3.22
C LYS A 203 -33.39 9.09 3.81
N HIS A 204 -33.05 7.83 3.64
CA HIS A 204 -33.94 6.77 4.09
C HIS A 204 -33.75 6.37 5.57
N HIS A 205 -32.78 6.99 6.25
CA HIS A 205 -32.47 6.74 7.70
C HIS A 205 -32.00 5.33 8.05
N LEU A 206 -31.01 4.85 7.31
CA LEU A 206 -30.52 3.48 7.41
C LEU A 206 -29.02 3.45 7.44
N THR A 207 -28.48 2.56 8.27
CA THR A 207 -27.05 2.20 8.19
C THR A 207 -26.82 1.51 6.84
N ILE A 208 -25.57 1.38 6.44
CA ILE A 208 -25.25 0.68 5.17
C ILE A 208 -25.71 -0.80 5.18
N ALA A 209 -25.48 -1.50 6.29
CA ALA A 209 -25.97 -2.86 6.52
C ALA A 209 -27.46 -2.97 6.33
N GLU A 210 -28.19 -2.01 6.91
CA GLU A 210 -29.65 -2.04 6.82
C GLU A 210 -30.12 -1.75 5.41
N LEU A 211 -29.39 -0.93 4.65
CA LEU A 211 -29.83 -0.65 3.28
C LEU A 211 -29.50 -1.82 2.37
N MSE A 212 -28.42 -2.51 2.70
CA MSE A 212 -28.01 -3.73 1.99
C MSE A 212 -29.00 -4.89 2.19
O MSE A 212 -29.40 -5.55 1.24
CB MSE A 212 -26.63 -4.18 2.52
CG MSE A 212 -25.41 -3.54 1.85
SE MSE A 212 -25.37 -3.62 -0.13
CE MSE A 212 -24.97 -5.53 -0.31
N LEU A 213 -29.35 -5.17 3.45
CA LEU A 213 -30.40 -6.15 3.74
C LEU A 213 -31.63 -5.85 2.89
N VAL A 214 -32.09 -4.59 2.89
CA VAL A 214 -33.22 -4.22 2.07
C VAL A 214 -32.99 -4.56 0.61
N ASN A 215 -31.85 -4.20 0.04
CA ASN A 215 -31.61 -4.53 -1.33
C ASN A 215 -31.55 -6.05 -1.60
N GLU A 216 -31.03 -6.82 -0.63
CA GLU A 216 -30.75 -8.28 -0.83
C GLU A 216 -32.05 -9.10 -0.81
N LYS A 217 -33.07 -8.57 -0.10
CA LYS A 217 -34.40 -9.17 -0.03
C LYS A 217 -35.18 -9.11 -1.34
N THR A 218 -34.60 -8.44 -2.34
CA THR A 218 -35.09 -8.46 -3.69
C THR A 218 -35.03 -9.84 -4.33
N TRP A 219 -34.05 -10.66 -3.92
CA TRP A 219 -33.77 -11.95 -4.54
C TRP A 219 -33.91 -13.14 -3.58
N ARG A 220 -33.90 -12.85 -2.28
CA ARG A 220 -33.96 -13.87 -1.27
C ARG A 220 -34.83 -13.41 -0.13
N SER A 221 -35.05 -14.29 0.83
CA SER A 221 -35.76 -13.92 2.03
C SER A 221 -34.73 -13.59 3.09
N THR A 222 -35.16 -12.84 4.08
CA THR A 222 -34.32 -12.50 5.21
C THR A 222 -33.59 -13.69 5.80
N ALA A 223 -34.31 -14.78 6.03
CA ALA A 223 -33.70 -15.90 6.74
C ALA A 223 -32.75 -16.68 5.84
N GLU A 224 -32.88 -16.54 4.52
CA GLU A 224 -31.89 -17.13 3.61
C GLU A 224 -30.59 -16.30 3.62
N ILE A 225 -30.72 -14.99 3.44
CA ILE A 225 -29.61 -14.06 3.59
C ILE A 225 -28.91 -14.36 4.92
N HIS A 226 -29.69 -14.42 5.99
CA HIS A 226 -29.06 -14.57 7.30
C HIS A 226 -28.38 -15.91 7.46
N LYS A 227 -29.02 -16.97 6.98
CA LYS A 227 -28.47 -18.31 7.08
C LYS A 227 -27.25 -18.43 6.20
N GLY A 228 -27.34 -17.86 5.00
CA GLY A 228 -26.21 -17.87 4.04
C GLY A 228 -24.96 -17.12 4.55
N ILE A 229 -25.17 -15.97 5.18
CA ILE A 229 -24.06 -15.27 5.80
C ILE A 229 -23.45 -16.12 6.89
N LEU A 230 -24.28 -16.75 7.72
CA LEU A 230 -23.74 -17.58 8.83
C LEU A 230 -23.00 -18.79 8.31
N ASP A 231 -23.44 -19.35 7.18
CA ASP A 231 -22.71 -20.49 6.58
C ASP A 231 -21.34 -20.07 6.06
N ILE A 232 -21.28 -18.89 5.45
CA ILE A 232 -20.01 -18.35 4.96
C ILE A 232 -19.01 -18.26 6.14
N ALA A 233 -19.47 -17.68 7.23
CA ALA A 233 -18.63 -17.49 8.40
C ALA A 233 -18.12 -18.78 8.96
N LYS A 234 -18.97 -19.81 8.97
CA LYS A 234 -18.61 -21.13 9.54
C LYS A 234 -17.48 -21.79 8.73
N VAL A 235 -17.62 -21.76 7.40
CA VAL A 235 -16.63 -22.32 6.50
C VAL A 235 -15.31 -21.53 6.61
N MSE A 236 -15.42 -20.21 6.69
CA MSE A 236 -14.22 -19.38 6.92
C MSE A 236 -13.50 -19.77 8.20
O MSE A 236 -12.27 -19.83 8.24
CB MSE A 236 -14.62 -17.89 6.98
CG MSE A 236 -14.67 -17.28 5.60
SE MSE A 236 -15.29 -15.40 5.68
CE MSE A 236 -15.29 -15.11 3.73
N ASP A 237 -14.27 -20.01 9.26
CA ASP A 237 -13.71 -20.39 10.55
C ASP A 237 -13.08 -21.76 10.48
N ASP A 238 -13.73 -22.70 9.82
CA ASP A 238 -13.11 -24.04 9.63
C ASP A 238 -11.86 -23.93 8.78
N CYS A 239 -11.91 -23.16 7.69
CA CYS A 239 -10.71 -22.88 6.87
C CYS A 239 -9.49 -22.36 7.70
N ILE A 240 -9.73 -21.41 8.61
CA ILE A 240 -8.61 -20.96 9.51
C ILE A 240 -8.05 -22.11 10.36
N ASN A 241 -8.96 -22.88 10.96
CA ASN A 241 -8.57 -24.04 11.81
C ASN A 241 -7.72 -25.02 11.01
N ASN A 242 -8.23 -25.38 9.83
CA ASN A 242 -7.49 -26.32 8.95
C ASN A 242 -6.07 -25.81 8.68
N GLY A 243 -5.95 -24.52 8.36
CA GLY A 243 -4.64 -23.95 8.06
C GLY A 243 -3.77 -23.92 9.27
N CYS A 244 -4.37 -23.77 10.44
CA CYS A 244 -3.56 -23.82 11.63
C CYS A 244 -3.01 -25.21 11.98
N LYS A 245 -3.51 -26.28 11.33
CA LYS A 245 -3.05 -27.67 11.60
C LYS A 245 -2.21 -28.27 10.50
N HIS A 246 -2.55 -27.96 9.26
CA HIS A 246 -1.97 -28.70 8.13
C HIS A 246 -0.55 -28.28 7.82
N ASP A 247 0.39 -28.94 8.52
CA ASP A 247 1.81 -28.88 8.19
C ASP A 247 2.06 -29.31 6.76
N GLY A 248 3.11 -28.79 6.16
CA GLY A 248 3.45 -29.15 4.78
C GLY A 248 4.32 -28.17 4.01
N VAL A 249 4.69 -28.58 2.81
CA VAL A 249 5.35 -27.73 1.82
C VAL A 249 4.35 -27.54 0.64
N LEU A 250 4.15 -26.29 0.20
CA LEU A 250 3.11 -26.01 -0.79
C LEU A 250 3.51 -26.57 -2.17
N PRO A 251 2.55 -27.10 -2.95
CA PRO A 251 2.90 -27.59 -4.30
C PRO A 251 3.29 -26.47 -5.24
N GLY A 252 3.73 -26.83 -6.47
CA GLY A 252 3.93 -25.90 -7.59
C GLY A 252 5.38 -25.54 -7.89
N GLY A 253 6.28 -25.78 -6.94
CA GLY A 253 7.70 -25.57 -7.26
C GLY A 253 8.42 -24.35 -6.69
N LEU A 254 7.83 -23.71 -5.71
CA LEU A 254 8.57 -22.72 -4.93
C LEU A 254 8.96 -23.31 -3.56
N ASN A 255 8.62 -24.56 -3.31
CA ASN A 255 8.97 -25.23 -2.03
C ASN A 255 8.65 -24.36 -0.86
N LEU A 256 7.48 -23.74 -0.92
CA LEU A 256 7.09 -22.77 0.03
C LEU A 256 6.52 -23.45 1.27
N LYS A 257 7.20 -23.29 2.39
CA LYS A 257 6.80 -23.99 3.57
C LYS A 257 5.57 -23.33 4.21
N ARG A 258 4.63 -24.13 4.65
CA ARG A 258 3.48 -23.58 5.35
C ARG A 258 3.89 -23.12 6.75
N ARG A 259 3.53 -21.89 7.11
CA ARG A 259 4.00 -21.31 8.36
C ARG A 259 2.89 -21.19 9.39
N ALA A 260 1.62 -21.18 8.96
CA ALA A 260 0.53 -21.07 9.93
C ALA A 260 0.56 -22.09 11.11
N PRO A 261 0.95 -23.35 10.88
CA PRO A 261 0.94 -24.33 12.03
C PRO A 261 1.94 -24.03 13.17
N ASP A 262 3.23 -23.90 12.84
CA ASP A 262 4.24 -23.40 13.79
C ASP A 262 3.76 -22.14 14.46
N LEU A 263 3.33 -21.17 13.66
CA LEU A 263 2.97 -19.90 14.25
C LEU A 263 1.86 -20.14 15.27
N TYR A 264 0.87 -20.98 14.96
CA TYR A 264 -0.24 -21.24 15.88
C TYR A 264 0.27 -21.81 17.25
N ARG A 265 1.22 -22.71 17.16
CA ARG A 265 1.82 -23.35 18.34
C ARG A 265 2.64 -22.37 19.14
N LYS A 266 3.34 -21.48 18.45
CA LYS A 266 4.15 -20.44 19.09
C LYS A 266 3.29 -19.36 19.77
N LEU A 267 2.15 -18.97 19.18
CA LEU A 267 1.24 -18.03 19.87
C LEU A 267 0.35 -18.74 20.91
N ILE A 268 0.77 -19.96 21.33
CA ILE A 268 0.13 -20.78 22.37
C ILE A 268 1.21 -21.48 23.26
N PHE A 277 10.26 -11.13 17.77
CA PHE A 277 9.31 -11.05 16.64
C PHE A 277 8.14 -12.06 16.65
N GLU A 278 8.16 -13.05 17.53
CA GLU A 278 7.02 -13.97 17.65
C GLU A 278 6.07 -13.51 18.74
N GLN A 279 6.15 -12.22 19.12
CA GLN A 279 5.21 -11.63 20.07
C GLN A 279 3.80 -12.10 19.75
N SER A 280 3.04 -12.42 20.80
CA SER A 280 1.67 -12.90 20.67
C SER A 280 0.63 -11.77 20.69
N ASP A 281 0.67 -10.92 19.66
CA ASP A 281 -0.12 -9.66 19.64
C ASP A 281 -1.14 -9.57 18.53
N ILE A 282 -1.95 -8.51 18.55
CA ILE A 282 -2.99 -8.30 17.56
C ILE A 282 -2.49 -8.54 16.13
N MSE A 283 -1.24 -8.20 15.89
CA MSE A 283 -0.69 -8.19 14.57
C MSE A 283 -0.32 -9.54 14.09
O MSE A 283 -0.61 -9.90 12.93
CB MSE A 283 0.55 -7.29 14.59
CG MSE A 283 0.85 -6.66 13.24
SE MSE A 283 2.35 -5.34 13.32
CE MSE A 283 1.37 -4.13 14.48
N ASN A 284 0.37 -10.29 14.93
CA ASN A 284 0.73 -11.67 14.61
C ASN A 284 -0.47 -12.63 14.56
N HIS A 285 -1.59 -12.24 15.17
CA HIS A 285 -2.78 -13.05 15.06
C HIS A 285 -3.41 -12.80 13.71
N LEU A 286 -3.49 -11.53 13.29
CA LEU A 286 -4.04 -11.21 11.96
C LEU A 286 -3.19 -11.92 10.95
N ASN A 287 -1.87 -11.83 11.09
CA ASN A 287 -1.01 -12.57 10.21
C ASN A 287 -1.36 -14.06 10.18
N LEU A 288 -1.54 -14.63 11.39
CA LEU A 288 -1.75 -16.07 11.52
C LEU A 288 -2.98 -16.45 10.75
N TYR A 289 -4.07 -15.78 11.06
CA TYR A 289 -5.32 -16.18 10.47
C TYR A 289 -5.24 -15.98 8.92
N ALA A 290 -4.67 -14.90 8.44
CA ALA A 290 -4.65 -14.69 7.00
C ALA A 290 -3.77 -15.72 6.32
N MSE A 291 -2.66 -16.06 6.94
CA MSE A 291 -1.76 -17.05 6.33
C MSE A 291 -2.36 -18.46 6.38
O MSE A 291 -2.14 -19.27 5.47
CB MSE A 291 -0.40 -17.06 7.01
CG MSE A 291 0.38 -15.72 6.92
SE MSE A 291 2.22 -15.84 7.69
CE MSE A 291 3.01 -16.93 6.29
N ALA A 292 -3.02 -18.81 7.48
CA ALA A 292 -3.76 -20.07 7.57
C ALA A 292 -4.65 -20.22 6.34
N VAL A 293 -5.40 -19.17 6.03
CA VAL A 293 -6.38 -19.28 4.97
C VAL A 293 -5.69 -19.37 3.63
N ASN A 294 -4.72 -18.49 3.38
CA ASN A 294 -4.12 -18.42 2.05
C ASN A 294 -3.21 -19.60 1.75
N GLU A 295 -2.76 -20.29 2.80
CA GLU A 295 -1.99 -21.51 2.64
C GLU A 295 -2.91 -22.70 2.28
N GLU A 296 -4.05 -22.80 2.98
CA GLU A 296 -5.14 -23.70 2.61
C GLU A 296 -5.52 -23.47 1.15
N ASN A 297 -5.69 -22.21 0.73
CA ASN A 297 -6.05 -21.90 -0.67
C ASN A 297 -5.02 -22.40 -1.63
N ALA A 298 -3.75 -22.13 -1.35
CA ALA A 298 -2.66 -22.53 -2.24
C ALA A 298 -2.57 -24.05 -2.34
N ALA A 299 -2.95 -24.74 -1.26
CA ALA A 299 -2.86 -26.22 -1.18
C ALA A 299 -4.08 -26.91 -1.76
N GLY A 300 -5.09 -26.13 -2.15
CA GLY A 300 -6.28 -26.68 -2.81
C GLY A 300 -7.41 -27.00 -1.85
N GLY A 301 -7.34 -26.51 -0.63
CA GLY A 301 -8.45 -26.69 0.33
C GLY A 301 -9.73 -25.98 -0.04
N ARG A 302 -10.75 -26.21 0.78
CA ARG A 302 -12.02 -25.50 0.71
C ARG A 302 -11.86 -24.00 1.10
N ILE A 303 -12.44 -23.11 0.30
CA ILE A 303 -12.12 -21.69 0.41
C ILE A 303 -13.33 -20.90 0.01
N VAL A 304 -13.58 -19.84 0.76
CA VAL A 304 -14.66 -18.94 0.41
C VAL A 304 -14.11 -17.70 -0.24
N THR A 305 -14.55 -17.40 -1.46
CA THR A 305 -14.03 -16.21 -2.16
C THR A 305 -14.30 -14.95 -1.33
N ALA A 306 -13.42 -13.95 -1.41
CA ALA A 306 -13.72 -12.71 -0.70
C ALA A 306 -12.94 -11.49 -1.16
N PRO A 307 -13.14 -11.04 -2.43
CA PRO A 307 -14.06 -11.51 -3.43
C PRO A 307 -13.46 -12.62 -4.33
N THR A 308 -12.21 -12.96 -4.10
CA THR A 308 -11.53 -13.94 -4.90
C THR A 308 -10.85 -14.92 -3.91
N ASN A 309 -10.39 -16.03 -4.45
CA ASN A 309 -9.71 -17.06 -3.69
C ASN A 309 -8.34 -16.59 -3.23
N GLY A 310 -7.66 -15.86 -4.10
CA GLY A 310 -6.33 -15.33 -3.76
C GLY A 310 -6.35 -14.26 -2.67
N ALA A 311 -7.50 -13.62 -2.51
CA ALA A 311 -7.66 -12.58 -1.58
C ALA A 311 -8.42 -13.05 -0.36
N ALA A 312 -8.40 -14.36 -0.14
CA ALA A 312 -9.38 -15.01 0.75
C ALA A 312 -9.10 -14.80 2.19
N GLY A 313 -7.86 -14.49 2.54
CA GLY A 313 -7.45 -14.57 3.94
C GLY A 313 -7.85 -13.36 4.72
N ILE A 314 -7.96 -12.23 4.03
CA ILE A 314 -8.16 -10.96 4.71
C ILE A 314 -9.46 -10.90 5.51
N ILE A 315 -10.59 -11.08 4.85
CA ILE A 315 -11.90 -10.96 5.49
C ILE A 315 -12.11 -11.87 6.73
N PRO A 316 -11.79 -13.16 6.63
CA PRO A 316 -11.87 -14.01 7.82
C PRO A 316 -10.91 -13.66 8.95
N ALA A 317 -9.70 -13.22 8.60
CA ALA A 317 -8.69 -12.87 9.57
C ALA A 317 -9.19 -11.71 10.42
N VAL A 318 -9.78 -10.74 9.75
CA VAL A 318 -10.29 -9.58 10.41
C VAL A 318 -11.51 -9.97 11.25
N LEU A 319 -12.37 -10.85 10.70
CA LEU A 319 -13.57 -11.31 11.44
C LEU A 319 -13.14 -12.03 12.71
N LYS A 320 -12.21 -12.97 12.62
CA LYS A 320 -11.76 -13.64 13.82
C LYS A 320 -11.15 -12.70 14.87
N TYR A 321 -10.34 -11.73 14.43
CA TYR A 321 -9.76 -10.78 15.37
C TYR A 321 -10.93 -10.03 16.01
N CYS A 322 -11.85 -9.56 15.20
CA CYS A 322 -13.01 -8.90 15.77
C CYS A 322 -13.67 -9.71 16.86
N GLN A 323 -13.89 -11.01 16.61
CA GLN A 323 -14.61 -11.89 17.57
C GLN A 323 -13.83 -12.06 18.90
N GLN A 324 -12.50 -12.04 18.81
CA GLN A 324 -11.63 -12.36 19.90
C GLN A 324 -11.31 -11.17 20.83
N ALA A 325 -11.53 -9.94 20.34
CA ALA A 325 -11.12 -8.73 21.01
C ALA A 325 -12.26 -8.00 21.70
N HIS A 326 -13.49 -8.47 21.52
CA HIS A 326 -14.66 -7.84 22.16
C HIS A 326 -15.65 -8.94 22.62
N ASP A 327 -16.90 -8.57 22.97
CA ASP A 327 -17.96 -9.52 23.36
C ASP A 327 -18.22 -10.53 22.24
N ARG A 328 -18.48 -11.79 22.61
CA ARG A 328 -18.99 -12.80 21.67
C ARG A 328 -19.93 -12.05 20.74
N MSE A 329 -19.54 -12.00 19.48
CA MSE A 329 -20.27 -11.30 18.44
C MSE A 329 -21.60 -11.92 18.23
O MSE A 329 -21.71 -13.12 17.98
CB MSE A 329 -19.61 -11.39 17.08
CG MSE A 329 -18.73 -10.18 16.81
SE MSE A 329 -17.99 -10.37 14.99
CE MSE A 329 -19.45 -9.70 13.91
N SER A 330 -22.61 -11.08 18.30
CA SER A 330 -23.97 -11.49 18.03
C SER A 330 -24.12 -11.82 16.56
N ASN A 331 -25.22 -12.47 16.23
CA ASN A 331 -25.45 -12.83 14.86
C ASN A 331 -25.66 -11.54 14.07
N GLU A 332 -26.32 -10.54 14.67
CA GLU A 332 -26.52 -9.24 13.97
C GLU A 332 -25.21 -8.54 13.59
N ASP A 333 -24.26 -8.55 14.49
CA ASP A 333 -22.98 -7.99 14.23
C ASP A 333 -22.39 -8.65 12.98
N ILE A 334 -22.49 -9.98 12.91
CA ILE A 334 -21.95 -10.72 11.76
C ILE A 334 -22.68 -10.29 10.51
N TYR A 335 -23.99 -10.10 10.61
CA TYR A 335 -24.72 -9.72 9.43
C TYR A 335 -24.17 -8.35 8.98
N THR A 336 -23.98 -7.46 9.96
CA THR A 336 -23.50 -6.10 9.72
C THR A 336 -22.10 -6.09 9.10
N TYR A 337 -21.24 -6.96 9.62
CA TYR A 337 -19.92 -7.14 9.02
C TYR A 337 -19.98 -7.43 7.52
N PHE A 338 -20.60 -8.54 7.15
CA PHE A 338 -20.64 -9.01 5.75
C PHE A 338 -21.42 -8.11 4.79
N LEU A 339 -22.47 -7.50 5.29
CA LEU A 339 -23.32 -6.68 4.46
C LEU A 339 -22.73 -5.29 4.28
N THR A 340 -22.05 -4.80 5.33
CA THR A 340 -21.30 -3.57 5.19
C THR A 340 -20.13 -3.84 4.24
N ALA A 341 -19.37 -4.92 4.45
CA ALA A 341 -18.30 -5.29 3.46
C ALA A 341 -18.81 -5.37 2.03
N ALA A 342 -19.92 -6.05 1.82
CA ALA A 342 -20.43 -6.24 0.49
C ALA A 342 -20.78 -4.93 -0.20
N ALA A 343 -21.30 -3.93 0.54
CA ALA A 343 -21.64 -2.63 -0.10
C ALA A 343 -20.40 -1.98 -0.64
N ILE A 344 -19.32 -2.05 0.13
CA ILE A 344 -18.04 -1.47 -0.36
C ILE A 344 -17.55 -2.21 -1.60
N GLY A 345 -17.64 -3.52 -1.58
CA GLY A 345 -17.22 -4.30 -2.74
C GLY A 345 -17.99 -3.90 -3.98
N ILE A 346 -19.27 -3.59 -3.82
CA ILE A 346 -20.12 -3.23 -4.94
C ILE A 346 -19.66 -1.89 -5.51
N LEU A 347 -19.36 -0.92 -4.62
CA LEU A 347 -18.81 0.35 -5.11
C LEU A 347 -17.64 0.13 -6.05
N TYR A 348 -16.82 -0.87 -5.81
CA TYR A 348 -15.68 -1.12 -6.67
C TYR A 348 -16.07 -1.81 -7.99
N LYS A 349 -17.05 -2.71 -7.90
CA LYS A 349 -17.41 -3.56 -9.03
C LYS A 349 -18.48 -2.96 -9.93
N LYS A 350 -19.41 -2.16 -9.41
CA LYS A 350 -20.64 -1.82 -10.16
C LYS A 350 -20.38 -1.07 -11.48
N GLY A 351 -21.12 -1.49 -12.50
CA GLY A 351 -21.10 -0.85 -13.83
C GLY A 351 -19.84 -1.10 -14.65
N ALA A 352 -19.05 -2.08 -14.24
CA ALA A 352 -17.77 -2.35 -14.89
C ALA A 352 -17.94 -3.41 -15.97
N SER A 353 -17.53 -3.09 -17.20
CA SER A 353 -17.40 -4.10 -18.26
C SER A 353 -16.47 -5.22 -17.75
N ILE A 354 -16.47 -6.37 -18.40
CA ILE A 354 -15.64 -7.49 -17.97
C ILE A 354 -14.14 -7.12 -17.99
N SER A 355 -13.66 -6.43 -19.03
CA SER A 355 -12.24 -5.99 -19.09
C SER A 355 -11.90 -4.80 -18.15
N GLY A 356 -12.76 -3.78 -18.11
CA GLY A 356 -12.70 -2.73 -17.07
C GLY A 356 -12.47 -3.24 -15.63
N ALA A 357 -13.22 -4.27 -15.22
CA ALA A 357 -13.09 -4.91 -13.90
C ALA A 357 -11.72 -5.52 -13.61
N GLU A 358 -10.91 -5.71 -14.64
CA GLU A 358 -9.60 -6.30 -14.44
C GLU A 358 -8.58 -5.21 -14.11
N VAL A 359 -8.35 -5.00 -12.80
CA VAL A 359 -7.48 -3.93 -12.38
C VAL A 359 -6.33 -4.40 -11.49
N GLY A 360 -5.88 -5.63 -11.68
CA GLY A 360 -4.75 -6.15 -10.93
C GLY A 360 -5.12 -6.52 -9.52
N CYS A 361 -4.15 -6.59 -8.64
CA CYS A 361 -4.35 -7.19 -7.35
C CYS A 361 -5.11 -6.23 -6.43
N GLN A 362 -4.98 -4.93 -6.69
CA GLN A 362 -5.74 -3.95 -5.95
C GLN A 362 -7.23 -4.26 -6.02
N GLY A 363 -7.65 -4.86 -7.15
CA GLY A 363 -9.07 -5.18 -7.42
C GLY A 363 -9.57 -6.42 -6.70
N GLU A 364 -8.61 -7.13 -6.09
CA GLU A 364 -8.86 -8.31 -5.31
C GLU A 364 -8.34 -8.18 -3.88
N VAL A 365 -7.04 -8.11 -3.69
CA VAL A 365 -6.51 -7.92 -2.32
C VAL A 365 -6.93 -6.57 -1.76
N GLY A 366 -6.88 -5.57 -2.63
CA GLY A 366 -7.22 -4.21 -2.23
C GLY A 366 -8.67 -4.16 -1.82
N VAL A 367 -9.50 -4.80 -2.61
CA VAL A 367 -10.94 -4.70 -2.34
C VAL A 367 -11.33 -5.43 -1.07
N ALA A 368 -10.73 -6.58 -0.81
CA ALA A 368 -10.97 -7.34 0.44
C ALA A 368 -10.61 -6.49 1.68
N SER A 369 -9.48 -5.82 1.59
CA SER A 369 -8.96 -5.02 2.70
C SER A 369 -9.94 -3.88 2.97
N SER A 370 -10.33 -3.21 1.89
CA SER A 370 -11.25 -2.12 1.96
C SER A 370 -12.57 -2.60 2.55
N MSE A 371 -13.00 -3.78 2.11
CA MSE A 371 -14.27 -4.37 2.50
C MSE A 371 -14.21 -4.71 3.98
O MSE A 371 -15.15 -4.51 4.73
CB MSE A 371 -14.53 -5.63 1.68
CG MSE A 371 -15.15 -5.37 0.33
SE MSE A 371 -16.06 -7.07 -0.29
CE MSE A 371 -14.56 -8.24 -0.74
N ALA A 372 -13.08 -5.26 4.41
CA ALA A 372 -12.91 -5.65 5.81
C ALA A 372 -12.83 -4.46 6.77
N ALA A 373 -12.15 -3.42 6.35
CA ALA A 373 -12.08 -2.17 7.14
C ALA A 373 -13.45 -1.63 7.29
N ALA A 374 -14.20 -1.61 6.21
CA ALA A 374 -15.53 -1.03 6.27
C ALA A 374 -16.47 -1.77 7.23
N GLY A 375 -16.36 -3.10 7.21
CA GLY A 375 -17.16 -3.95 8.07
C GLY A 375 -16.75 -3.84 9.53
N LEU A 376 -15.46 -3.85 9.79
CA LEU A 376 -15.00 -3.69 11.15
C LEU A 376 -15.46 -2.30 11.68
N THR A 377 -15.47 -1.31 10.80
CA THR A 377 -15.76 0.03 11.25
C THR A 377 -17.22 0.17 11.68
N ALA A 378 -18.12 -0.51 10.97
CA ALA A 378 -19.56 -0.46 11.26
C ALA A 378 -19.90 -1.29 12.47
N VAL A 379 -19.20 -2.39 12.66
CA VAL A 379 -19.44 -3.22 13.80
C VAL A 379 -19.03 -2.42 15.01
N LEU A 380 -17.87 -1.77 14.94
CA LEU A 380 -17.38 -0.96 16.05
C LEU A 380 -18.09 0.40 16.25
N GLY A 381 -19.08 0.75 15.46
CA GLY A 381 -19.95 1.91 15.80
C GLY A 381 -19.59 3.20 15.08
N GLY A 382 -18.80 3.08 14.02
CA GLY A 382 -18.51 4.26 13.20
C GLY A 382 -19.70 4.78 12.40
N THR A 383 -19.68 6.07 12.11
CA THR A 383 -20.70 6.67 11.22
C THR A 383 -20.59 6.10 9.79
N ILE A 384 -21.55 6.43 8.93
CA ILE A 384 -21.48 6.10 7.53
C ILE A 384 -20.17 6.68 6.95
N GLU A 385 -19.88 7.90 7.36
CA GLU A 385 -18.74 8.58 6.87
C GLU A 385 -17.48 7.85 7.28
N GLN A 386 -17.40 7.34 8.50
CA GLN A 386 -16.19 6.65 8.95
C GLN A 386 -15.99 5.28 8.29
N VAL A 387 -17.12 4.64 7.99
CA VAL A 387 -17.08 3.39 7.28
C VAL A 387 -16.47 3.66 5.91
N GLU A 388 -16.88 4.75 5.28
CA GLU A 388 -16.35 5.11 3.96
C GLU A 388 -14.87 5.54 4.05
N ASN A 389 -14.53 6.37 5.07
CA ASN A 389 -13.15 6.77 5.33
C ASN A 389 -12.24 5.56 5.51
N ALA A 390 -12.66 4.58 6.31
CA ALA A 390 -11.82 3.37 6.51
C ALA A 390 -11.66 2.54 5.22
N ALA A 391 -12.74 2.33 4.48
CA ALA A 391 -12.61 1.67 3.19
C ALA A 391 -11.60 2.44 2.35
N GLU A 392 -11.72 3.76 2.37
CA GLU A 392 -10.86 4.66 1.54
C GLU A 392 -9.40 4.52 1.85
N ILE A 393 -9.06 4.59 3.11
CA ILE A 393 -7.67 4.40 3.50
C ILE A 393 -7.14 3.01 3.17
N ALA A 394 -7.94 1.99 3.47
CA ALA A 394 -7.49 0.64 3.16
C ALA A 394 -7.20 0.52 1.67
N MSE A 395 -8.12 0.96 0.83
CA MSE A 395 -7.82 0.84 -0.64
C MSE A 395 -6.65 1.70 -1.06
O MSE A 395 -5.94 1.36 -1.96
CB MSE A 395 -9.03 1.22 -1.48
CG MSE A 395 -8.78 1.28 -3.01
SE MSE A 395 -8.18 -0.49 -3.71
CE MSE A 395 -9.92 -1.35 -3.53
N GLU A 396 -6.43 2.84 -0.41
CA GLU A 396 -5.37 3.77 -0.79
C GLU A 396 -4.01 3.12 -0.70
N HIS A 397 -3.85 2.31 0.33
CA HIS A 397 -2.65 1.57 0.61
C HIS A 397 -2.49 0.28 -0.23
N HIS A 398 -3.26 0.20 -1.33
CA HIS A 398 -3.14 -0.85 -2.34
C HIS A 398 -3.17 -0.34 -3.79
N LEU A 399 -3.33 0.97 -4.02
CA LEU A 399 -3.45 1.51 -5.39
C LEU A 399 -2.26 1.13 -6.26
N GLY A 400 -2.55 0.64 -7.46
CA GLY A 400 -1.48 0.39 -8.47
C GLY A 400 -0.86 -0.99 -8.33
N MSE A 401 -1.35 -1.75 -7.35
CA MSE A 401 -0.84 -3.08 -7.12
C MSE A 401 -1.27 -4.06 -8.20
O MSE A 401 -2.48 -4.31 -8.39
CB MSE A 401 -1.37 -3.56 -5.75
CG MSE A 401 -0.63 -4.78 -5.28
SE MSE A 401 -1.25 -5.25 -3.45
CE MSE A 401 -0.01 -4.07 -2.47
N THR A 402 -0.27 -4.65 -8.83
CA THR A 402 -0.38 -5.46 -10.01
C THR A 402 -0.48 -6.96 -9.67
N CYS A 403 -0.99 -7.74 -10.64
CA CYS A 403 -0.99 -9.20 -10.52
C CYS A 403 0.13 -9.80 -11.32
N ASP A 404 1.19 -10.23 -10.64
CA ASP A 404 2.38 -10.76 -11.31
C ASP A 404 3.08 -11.79 -10.41
N PRO A 405 2.34 -12.84 -9.95
CA PRO A 405 2.89 -13.73 -8.91
C PRO A 405 4.00 -14.66 -9.37
N VAL A 406 4.83 -15.16 -8.45
CA VAL A 406 6.00 -15.89 -8.88
C VAL A 406 5.60 -17.23 -9.46
N LEU A 407 6.19 -17.59 -10.61
CA LEU A 407 5.78 -18.77 -11.44
C LEU A 407 4.25 -18.86 -11.71
N GLY A 408 3.50 -17.79 -11.50
CA GLY A 408 2.06 -17.86 -11.69
C GLY A 408 1.23 -18.50 -10.59
N LEU A 409 1.86 -18.87 -9.47
CA LEU A 409 1.13 -19.55 -8.41
C LEU A 409 0.55 -18.53 -7.47
N VAL A 410 -0.56 -18.88 -6.83
CA VAL A 410 -1.15 -18.06 -5.82
C VAL A 410 -0.42 -18.28 -4.45
N GLN A 411 0.86 -17.87 -4.39
CA GLN A 411 1.72 -18.03 -3.21
C GLN A 411 2.48 -16.75 -2.87
N ILE A 412 3.34 -16.37 -3.80
CA ILE A 412 4.23 -15.24 -3.68
C ILE A 412 3.94 -14.24 -4.81
N PRO A 413 3.53 -13.02 -4.44
CA PRO A 413 3.43 -12.40 -3.13
C PRO A 413 2.06 -12.50 -2.47
N CYS A 414 1.21 -13.41 -2.98
CA CYS A 414 -0.20 -13.48 -2.55
C CYS A 414 -0.41 -13.68 -1.04
N ILE A 415 0.34 -14.62 -0.46
CA ILE A 415 0.20 -14.89 1.00
C ILE A 415 0.56 -13.67 1.89
N GLU A 416 1.70 -13.07 1.70
CA GLU A 416 2.04 -11.91 2.52
C GLU A 416 1.06 -10.77 2.24
N ARG A 417 0.50 -10.70 1.04
CA ARG A 417 -0.44 -9.60 0.80
C ARG A 417 -1.71 -9.75 1.60
N ASN A 418 -2.12 -10.98 1.93
CA ASN A 418 -3.30 -11.11 2.77
C ASN A 418 -3.02 -10.80 4.25
N ALA A 419 -1.88 -11.23 4.75
CA ALA A 419 -1.43 -10.86 6.11
C ALA A 419 -1.33 -9.34 6.22
N MSE A 420 -0.49 -8.77 5.36
CA MSE A 420 -0.39 -7.30 5.20
C MSE A 420 -1.73 -6.64 5.08
O MSE A 420 -2.02 -5.65 5.80
CB MSE A 420 0.50 -6.96 4.02
CG MSE A 420 1.95 -7.38 4.17
SE MSE A 420 3.02 -6.34 5.52
CE MSE A 420 1.89 -4.77 5.68
N GLY A 421 -2.60 -7.23 4.23
CA GLY A 421 -3.95 -6.68 3.94
C GLY A 421 -4.88 -6.66 5.14
N ALA A 422 -4.70 -7.65 6.00
CA ALA A 422 -5.59 -7.76 7.20
C ALA A 422 -5.13 -6.69 8.19
N VAL A 423 -3.82 -6.54 8.30
CA VAL A 423 -3.19 -5.52 9.16
C VAL A 423 -3.60 -4.10 8.79
N LYS A 424 -3.53 -3.79 7.50
CA LYS A 424 -3.97 -2.47 7.02
C LYS A 424 -5.45 -2.23 7.16
N ALA A 425 -6.26 -3.26 7.04
CA ALA A 425 -7.70 -3.06 7.26
C ALA A 425 -7.97 -2.64 8.71
N VAL A 426 -7.36 -3.32 9.65
CA VAL A 426 -7.62 -3.01 11.07
C VAL A 426 -7.09 -1.63 11.35
N ASN A 427 -5.90 -1.35 10.81
CA ASN A 427 -5.32 -0.08 11.06
C ASN A 427 -6.05 1.01 10.28
N ALA A 428 -6.57 0.72 9.10
CA ALA A 428 -7.34 1.76 8.40
C ALA A 428 -8.55 2.08 9.24
N THR A 429 -9.08 1.06 9.89
CA THR A 429 -10.25 1.28 10.77
C THR A 429 -9.89 2.24 11.91
N ARG A 430 -8.71 2.04 12.50
CA ARG A 430 -8.27 2.88 13.59
C ARG A 430 -8.11 4.33 13.19
N MSE A 431 -7.45 4.53 12.04
CA MSE A 431 -7.28 5.83 11.43
C MSE A 431 -8.60 6.52 11.30
O MSE A 431 -8.73 7.67 11.65
CB MSE A 431 -6.59 5.73 10.09
CG MSE A 431 -5.18 5.23 10.27
SE MSE A 431 -4.15 6.57 11.27
CE MSE A 431 -3.99 5.78 13.08
N ALA A 432 -9.60 5.83 10.79
CA ALA A 432 -10.91 6.46 10.60
C ALA A 432 -11.59 6.82 11.91
N LEU A 433 -11.37 6.01 12.95
CA LEU A 433 -12.04 6.22 14.22
C LEU A 433 -11.25 7.17 15.14
N ILE A 434 -9.97 6.91 15.34
CA ILE A 434 -9.12 7.84 16.11
C ILE A 434 -9.12 9.23 15.47
N GLY A 435 -9.23 9.30 14.15
CA GLY A 435 -9.22 10.57 13.43
C GLY A 435 -10.58 11.24 13.37
N ASP A 436 -11.58 10.57 13.94
CA ASP A 436 -12.97 11.03 13.95
C ASP A 436 -13.45 11.41 12.56
N GLY A 437 -12.96 10.67 11.55
CA GLY A 437 -13.32 10.91 10.14
C GLY A 437 -12.64 12.09 9.42
N GLN A 438 -11.67 12.76 10.06
CA GLN A 438 -11.09 13.98 9.46
C GLN A 438 -10.06 13.63 8.36
N HIS A 439 -9.41 12.47 8.56
CA HIS A 439 -8.31 12.00 7.71
C HIS A 439 -8.76 11.27 6.45
N GLN A 440 -9.54 12.00 5.68
CA GLN A 440 -10.35 11.43 4.66
C GLN A 440 -10.10 12.12 3.33
N ILE A 441 -9.98 11.30 2.31
CA ILE A 441 -10.01 11.74 0.92
C ILE A 441 -11.30 11.07 0.39
N SER A 442 -11.96 11.60 -0.64
CA SER A 442 -13.22 10.93 -1.08
C SER A 442 -12.96 9.55 -1.70
N LEU A 443 -13.81 8.63 -1.30
CA LEU A 443 -13.70 7.27 -1.71
C LEU A 443 -13.89 7.21 -3.21
N ASP A 444 -14.92 7.89 -3.71
CA ASP A 444 -15.05 8.05 -5.17
C ASP A 444 -13.77 8.40 -5.93
N LYS A 445 -12.89 9.24 -5.37
CA LYS A 445 -11.65 9.61 -6.08
C LYS A 445 -10.62 8.47 -6.07
N VAL A 446 -10.50 7.79 -4.91
CA VAL A 446 -9.69 6.58 -4.80
C VAL A 446 -10.22 5.43 -5.70
N ILE A 447 -11.51 5.21 -5.72
CA ILE A 447 -12.13 4.27 -6.67
C ILE A 447 -11.75 4.63 -8.10
N LYS A 448 -11.79 5.91 -8.46
CA LYS A 448 -11.40 6.29 -9.83
C LYS A 448 -9.90 6.10 -10.14
N THR A 449 -9.05 6.34 -9.16
CA THR A 449 -7.63 6.20 -9.37
C THR A 449 -7.31 4.70 -9.55
N MSE A 450 -8.03 3.85 -8.80
CA MSE A 450 -8.00 2.38 -8.98
C MSE A 450 -8.26 2.00 -10.42
O MSE A 450 -7.50 1.19 -10.99
CB MSE A 450 -9.05 1.67 -8.11
CG MSE A 450 -8.72 0.21 -7.91
SE MSE A 450 -10.34 -0.76 -7.30
CE MSE A 450 -11.51 -0.38 -8.86
N LYS A 451 -9.27 2.61 -11.01
CA LYS A 451 -9.59 2.32 -12.41
C LYS A 451 -8.55 2.75 -13.39
N GLN A 452 -7.88 3.88 -13.17
CA GLN A 452 -6.95 4.35 -14.19
C GLN A 452 -5.61 3.66 -14.07
N THR A 453 -5.16 3.40 -12.84
CA THR A 453 -3.98 2.58 -12.65
C THR A 453 -4.29 1.20 -13.28
N GLY A 454 -5.48 0.67 -13.04
CA GLY A 454 -5.95 -0.54 -13.72
C GLY A 454 -5.81 -0.47 -15.23
N MSE A 455 -6.41 0.54 -15.83
CA MSE A 455 -6.25 0.74 -17.30
C MSE A 455 -4.80 0.76 -17.76
O MSE A 455 -4.46 0.15 -18.77
CB MSE A 455 -6.91 2.05 -17.72
CG MSE A 455 -8.43 1.87 -17.79
SE MSE A 455 -8.94 1.07 -19.53
CE MSE A 455 -10.76 1.85 -19.61
N ASP A 456 -3.94 1.47 -17.02
CA ASP A 456 -2.51 1.64 -17.39
C ASP A 456 -1.77 0.32 -17.36
N MSE A 457 -2.26 -0.59 -16.51
CA MSE A 457 -1.66 -1.91 -16.34
C MSE A 457 -1.81 -2.74 -17.61
O MSE A 457 -1.03 -3.67 -17.84
CB MSE A 457 -2.27 -2.67 -15.18
CG MSE A 457 -1.65 -2.38 -13.83
SE MSE A 457 -2.80 -3.34 -12.55
CE MSE A 457 -2.61 -2.28 -10.90
N GLN A 458 -2.82 -2.45 -18.42
CA GLN A 458 -2.96 -3.12 -19.73
C GLN A 458 -1.69 -3.05 -20.61
N SER A 459 -0.75 -2.16 -20.29
CA SER A 459 0.50 -1.97 -21.05
C SER A 459 1.73 -2.33 -20.23
N ILE A 460 1.50 -3.06 -19.14
CA ILE A 460 2.60 -3.56 -18.29
C ILE A 460 2.56 -5.08 -18.37
N TYR A 461 3.63 -5.65 -18.89
CA TYR A 461 3.62 -7.03 -19.31
C TYR A 461 4.51 -7.87 -18.46
N LYS A 462 4.02 -9.06 -18.16
CA LYS A 462 4.81 -10.06 -17.49
C LYS A 462 5.99 -10.44 -18.38
N GLU A 463 6.94 -11.15 -17.77
CA GLU A 463 8.14 -11.66 -18.45
C GLU A 463 7.75 -12.62 -19.55
N THR A 464 8.66 -12.78 -20.50
CA THR A 464 8.40 -13.65 -21.65
C THR A 464 8.22 -15.11 -21.15
N SER A 465 8.94 -15.47 -20.08
CA SER A 465 8.83 -16.85 -19.51
C SER A 465 7.44 -17.17 -18.91
N MSE A 466 6.72 -16.12 -18.44
CA MSE A 466 5.33 -16.26 -17.92
C MSE A 466 4.26 -15.96 -18.97
O MSE A 466 3.06 -16.05 -18.70
CB MSE A 466 5.18 -15.34 -16.69
CG MSE A 466 6.10 -15.72 -15.50
SE MSE A 466 5.64 -17.55 -14.92
CE MSE A 466 7.02 -18.56 -15.90
N GLY A 467 4.70 -15.58 -20.17
CA GLY A 467 3.78 -15.50 -21.33
C GLY A 467 3.55 -14.11 -21.90
N GLY A 468 4.18 -13.10 -21.32
CA GLY A 468 4.15 -11.75 -21.90
C GLY A 468 2.81 -11.02 -21.87
N LEU A 469 1.78 -11.58 -21.24
CA LEU A 469 0.46 -10.93 -21.11
C LEU A 469 0.49 -9.85 -20.01
N ALA A 470 -0.59 -9.07 -19.90
CA ALA A 470 -0.61 -7.94 -19.02
C ALA A 470 -0.86 -8.34 -17.56
N VAL A 471 -0.45 -7.45 -16.65
CA VAL A 471 -0.51 -7.75 -15.20
C VAL A 471 -1.77 -7.27 -14.57
N ASN A 472 -2.74 -6.82 -15.36
CA ASN A 472 -4.01 -6.40 -14.79
C ASN A 472 -5.04 -7.50 -14.55
N LEU A 473 -4.76 -8.70 -15.04
CA LEU A 473 -5.76 -9.80 -14.97
C LEU A 473 -5.52 -10.81 -13.79
N PRO A 474 -6.37 -10.81 -12.77
CA PRO A 474 -5.99 -11.69 -11.66
C PRO A 474 -5.82 -13.18 -11.97
N GLU A 475 -4.72 -13.75 -11.51
CA GLU A 475 -4.48 -15.19 -11.59
C GLU A 475 -5.29 -16.06 -10.66
N CYS A 476 -5.90 -15.48 -9.62
CA CYS A 476 -6.54 -16.21 -8.50
C CYS A 476 -8.09 -16.21 -8.53
N MSE B 19 28.26 9.89 -7.55
CA MSE B 19 27.62 10.54 -6.38
C MSE B 19 27.63 9.63 -5.18
O MSE B 19 27.23 8.45 -5.27
CB MSE B 19 26.18 10.92 -6.65
CG MSE B 19 26.10 12.24 -7.39
SE MSE B 19 24.69 12.11 -8.76
CE MSE B 19 23.30 11.22 -7.66
N ASN B 20 28.07 10.20 -4.07
CA ASN B 20 28.13 9.53 -2.78
C ASN B 20 27.04 10.09 -1.93
N ILE B 21 26.31 9.23 -1.25
CA ILE B 21 25.25 9.63 -0.32
C ILE B 21 25.55 9.08 1.09
N SER B 22 25.32 9.91 2.10
CA SER B 22 25.68 9.56 3.48
C SER B 22 24.44 9.41 4.31
N VAL B 23 24.55 8.65 5.39
CA VAL B 23 23.48 8.61 6.36
C VAL B 23 23.09 10.02 6.77
N PHE B 24 24.05 10.92 6.80
CA PHE B 24 23.75 12.28 7.25
C PHE B 24 23.13 13.15 6.17
N ASP B 25 23.10 12.67 4.93
CA ASP B 25 22.25 13.27 3.89
C ASP B 25 20.80 12.83 4.03
N LEU B 26 20.55 11.65 4.55
CA LEU B 26 19.21 11.16 4.65
C LEU B 26 18.55 11.68 5.86
N PHE B 27 19.33 11.83 6.94
CA PHE B 27 18.73 12.19 8.22
C PHE B 27 19.36 13.52 8.74
N SER B 28 18.62 14.63 8.68
CA SER B 28 19.13 15.95 9.05
C SER B 28 18.13 16.68 9.95
N ILE B 29 18.65 17.51 10.83
CA ILE B 29 17.85 18.17 11.84
C ILE B 29 17.41 19.45 11.18
N GLY B 30 16.14 19.68 11.18
CA GLY B 30 15.64 20.97 10.77
C GLY B 30 14.31 21.23 11.45
N ILE B 31 13.41 21.75 10.65
CA ILE B 31 12.16 22.14 11.11
C ILE B 31 11.10 21.79 10.07
N GLY B 32 9.87 21.60 10.55
CA GLY B 32 8.67 21.31 9.72
C GLY B 32 7.98 22.53 9.20
N PRO B 33 7.05 22.36 8.26
CA PRO B 33 6.48 21.12 7.77
C PRO B 33 7.06 20.47 6.51
N SER B 34 8.01 21.11 5.83
CA SER B 34 8.42 20.64 4.48
C SER B 34 9.86 20.80 4.19
N SER B 35 10.55 19.73 3.82
CA SER B 35 11.92 19.89 3.39
C SER B 35 12.02 20.78 2.08
N SER B 36 11.20 20.49 1.10
CA SER B 36 11.32 21.18 -0.18
C SER B 36 10.90 22.66 -0.09
N HIS B 37 9.88 22.93 0.73
CA HIS B 37 9.22 24.21 0.83
C HIS B 37 9.51 25.01 2.13
N THR B 38 10.08 24.38 3.18
CA THR B 38 10.44 25.09 4.43
C THR B 38 11.95 25.17 4.63
N VAL B 39 12.60 24.03 4.69
CA VAL B 39 13.99 23.98 4.98
C VAL B 39 14.81 24.52 3.81
N GLY B 40 14.63 24.01 2.61
CA GLY B 40 15.37 24.56 1.46
C GLY B 40 15.31 26.09 1.28
N PRO B 41 14.14 26.68 1.24
CA PRO B 41 14.08 28.12 1.11
C PRO B 41 14.75 28.85 2.30
N MSE B 42 14.66 28.30 3.50
CA MSE B 42 15.35 28.90 4.68
C MSE B 42 16.84 28.84 4.47
O MSE B 42 17.52 29.83 4.68
CB MSE B 42 14.92 28.32 6.02
CG MSE B 42 15.54 28.97 7.26
SE MSE B 42 14.43 28.36 8.79
CE MSE B 42 14.40 29.92 9.99
N LEU B 43 17.37 27.73 3.99
CA LEU B 43 18.78 27.68 3.63
C LEU B 43 19.10 28.57 2.43
N ALA B 44 18.18 28.75 1.48
CA ALA B 44 18.49 29.58 0.32
C ALA B 44 18.63 31.01 0.77
N ALA B 45 17.81 31.37 1.73
CA ALA B 45 17.88 32.70 2.32
C ALA B 45 19.20 32.87 3.05
N ASN B 46 19.59 31.88 3.86
CA ASN B 46 20.89 31.94 4.59
C ASN B 46 21.95 32.07 3.53
N ALA B 47 21.85 31.29 2.45
CA ALA B 47 22.93 31.37 1.46
C ALA B 47 22.96 32.71 0.68
N PHE B 48 21.80 33.36 0.53
CA PHE B 48 21.71 34.70 -0.07
C PHE B 48 22.48 35.73 0.80
N LEU B 49 22.37 35.63 2.11
CA LEU B 49 23.10 36.49 3.03
C LEU B 49 24.56 36.34 2.84
N GLN B 50 25.04 35.09 2.78
CA GLN B 50 26.44 34.76 2.50
C GLN B 50 26.90 35.28 1.15
N LEU B 51 26.06 35.22 0.12
CA LEU B 51 26.44 35.78 -1.18
C LEU B 51 26.58 37.29 -1.13
N LEU B 52 25.74 37.95 -0.34
CA LEU B 52 25.89 39.37 -0.15
C LEU B 52 27.28 39.67 0.46
N GLU B 53 27.70 38.95 1.51
CA GLU B 53 29.07 39.05 2.02
C GLU B 53 30.13 38.72 0.93
N GLN B 54 30.16 37.50 0.40
CA GLN B 54 31.05 37.07 -0.75
C GLN B 54 31.32 38.17 -1.79
N LYS B 55 30.28 38.90 -2.14
CA LYS B 55 30.32 39.76 -3.29
C LYS B 55 30.55 41.22 -2.84
N ASN B 56 30.56 41.42 -1.52
CA ASN B 56 30.74 42.73 -0.90
C ASN B 56 29.60 43.74 -1.17
N LEU B 57 28.36 43.29 -1.04
CA LEU B 57 27.24 44.11 -1.38
C LEU B 57 26.38 44.37 -0.17
N PHE B 58 26.77 43.85 0.98
CA PHE B 58 25.90 43.92 2.18
C PHE B 58 25.80 45.36 2.64
N ASP B 59 26.93 46.06 2.76
CA ASP B 59 26.87 47.45 3.22
C ASP B 59 26.04 48.40 2.33
N LYS B 60 26.08 48.23 1.00
CA LYS B 60 25.17 48.97 0.12
C LYS B 60 23.71 48.51 0.10
N THR B 61 23.44 47.28 0.51
CA THR B 61 22.10 46.76 0.37
C THR B 61 21.17 47.52 1.31
N GLN B 62 20.05 48.02 0.82
CA GLN B 62 19.07 48.69 1.66
C GLN B 62 17.62 48.18 1.44
N ARG B 63 17.50 47.13 0.60
CA ARG B 63 16.22 46.50 0.29
C ARG B 63 16.48 45.11 -0.25
N VAL B 64 15.66 44.15 0.20
CA VAL B 64 15.72 42.80 -0.33
C VAL B 64 14.37 42.44 -0.91
N LYS B 65 14.37 41.65 -1.95
CA LYS B 65 13.12 41.26 -2.54
C LYS B 65 13.13 39.78 -2.73
N VAL B 66 12.03 39.13 -2.45
CA VAL B 66 11.92 37.68 -2.64
C VAL B 66 10.78 37.39 -3.60
N GLU B 67 11.06 36.54 -4.58
CA GLU B 67 10.04 36.07 -5.52
C GLU B 67 9.96 34.54 -5.58
N LEU B 68 8.77 34.01 -5.33
CA LEU B 68 8.55 32.60 -5.32
C LEU B 68 7.81 32.28 -6.58
N TYR B 69 8.25 31.20 -7.22
CA TYR B 69 7.66 30.74 -8.44
C TYR B 69 7.08 29.37 -8.27
N GLY B 70 6.17 29.09 -9.21
CA GLY B 70 5.56 27.79 -9.41
C GLY B 70 5.05 27.11 -8.14
N SER B 71 5.56 25.90 -7.88
CA SER B 71 5.05 25.07 -6.83
C SER B 71 5.46 25.62 -5.48
N LEU B 72 6.50 26.41 -5.43
CA LEU B 72 6.86 27.15 -4.20
C LEU B 72 5.83 28.20 -3.89
N ALA B 73 5.44 28.95 -4.91
CA ALA B 73 4.46 29.99 -4.72
C ALA B 73 3.09 29.40 -4.43
N LEU B 74 2.71 28.31 -5.10
CA LEU B 74 1.32 27.80 -4.97
C LEU B 74 1.03 27.27 -3.55
N THR B 75 1.99 26.59 -2.94
CA THR B 75 1.73 26.00 -1.60
C THR B 75 2.65 26.58 -0.51
N GLY B 76 3.38 27.65 -0.82
CA GLY B 76 4.35 28.27 0.13
C GLY B 76 3.69 28.78 1.41
N LYS B 77 2.55 29.38 1.28
CA LYS B 77 1.94 29.88 2.48
C LYS B 77 1.63 28.77 3.52
N GLY B 78 0.94 27.70 3.08
CA GLY B 78 0.66 26.58 3.95
C GLY B 78 1.86 25.82 4.46
N HIS B 79 2.96 25.90 3.75
CA HIS B 79 4.20 25.31 4.17
C HIS B 79 5.10 26.30 5.00
N GLY B 80 4.63 27.50 5.29
CA GLY B 80 5.48 28.51 5.95
C GLY B 80 6.75 28.91 5.23
N THR B 81 6.73 28.91 3.88
CA THR B 81 7.83 29.35 3.12
C THR B 81 8.18 30.81 3.42
N ASP B 82 7.15 31.66 3.51
CA ASP B 82 7.38 33.05 3.78
C ASP B 82 8.01 33.26 5.18
N LYS B 83 7.46 32.57 6.16
CA LYS B 83 7.94 32.64 7.50
C LYS B 83 9.33 32.13 7.58
N ALA B 84 9.61 31.04 6.85
CA ALA B 84 10.96 30.48 6.85
C ALA B 84 11.98 31.43 6.17
N ILE B 85 11.57 32.09 5.10
CA ILE B 85 12.46 32.91 4.36
C ILE B 85 12.74 34.23 5.11
N LEU B 86 11.73 34.82 5.73
CA LEU B 86 11.88 36.04 6.46
C LEU B 86 12.82 35.85 7.63
N ASN B 87 12.59 34.78 8.40
CA ASN B 87 13.49 34.45 9.50
C ASN B 87 14.85 34.12 8.99
N GLY B 88 14.90 33.43 7.85
CA GLY B 88 16.23 33.06 7.30
C GLY B 88 17.06 34.27 6.83
N LEU B 89 16.37 35.33 6.39
CA LEU B 89 17.01 36.58 6.06
C LEU B 89 17.63 37.30 7.29
N GLU B 90 17.33 36.86 8.51
CA GLU B 90 17.92 37.39 9.75
C GLU B 90 18.88 36.44 10.34
N ASN B 91 19.32 35.50 9.50
CA ASN B 91 20.32 34.51 9.79
C ASN B 91 19.87 33.37 10.71
N LYS B 92 18.58 33.18 10.86
CA LYS B 92 18.09 31.97 11.51
C LYS B 92 18.30 30.78 10.59
N ALA B 93 18.84 29.70 11.14
CA ALA B 93 19.10 28.45 10.42
C ALA B 93 18.08 27.38 10.87
N PRO B 94 17.69 26.48 9.95
CA PRO B 94 16.56 25.61 10.26
C PRO B 94 16.87 24.56 11.31
N GLU B 95 18.10 24.15 11.40
CA GLU B 95 18.46 23.28 12.48
C GLU B 95 18.46 23.88 13.89
N THR B 96 18.69 25.20 14.01
CA THR B 96 18.82 25.82 15.36
C THR B 96 17.76 26.86 15.73
N VAL B 97 16.97 27.37 14.79
CA VAL B 97 16.00 28.37 15.12
C VAL B 97 15.03 27.83 16.16
N ASP B 98 14.50 28.73 16.97
CA ASP B 98 13.53 28.36 17.97
C ASP B 98 12.20 28.34 17.23
N PRO B 99 11.55 27.16 17.14
CA PRO B 99 10.38 27.01 16.29
C PRO B 99 9.26 27.88 16.75
N ALA B 100 9.13 28.01 18.08
CA ALA B 100 8.13 28.92 18.73
C ALA B 100 8.30 30.44 18.38
N SER B 101 9.51 30.84 18.00
CA SER B 101 9.79 32.24 17.59
C SER B 101 9.36 32.65 16.17
N MSE B 102 9.04 31.67 15.33
CA MSE B 102 8.98 31.90 13.85
C MSE B 102 7.81 32.73 13.50
O MSE B 102 7.91 33.68 12.76
CB MSE B 102 8.84 30.58 13.13
CG MSE B 102 10.02 29.65 13.31
SE MSE B 102 11.12 29.79 11.68
CE MSE B 102 11.35 27.86 11.73
N ILE B 103 6.68 32.40 14.08
CA ILE B 103 5.44 33.11 13.85
C ILE B 103 5.48 34.51 14.48
N PRO B 104 5.74 34.63 15.79
CA PRO B 104 5.83 36.00 16.34
C PRO B 104 6.81 36.91 15.59
N ARG B 105 8.03 36.41 15.34
CA ARG B 105 9.02 37.18 14.59
C ARG B 105 8.53 37.58 13.21
N MSE B 106 7.94 36.66 12.45
CA MSE B 106 7.40 37.03 11.13
C MSE B 106 6.41 38.14 11.32
O MSE B 106 6.44 39.12 10.57
CB MSE B 106 6.70 35.90 10.36
CG MSE B 106 6.43 36.24 8.91
SE MSE B 106 5.08 35.01 8.10
CE MSE B 106 3.75 34.49 9.46
N HIS B 107 5.52 38.04 12.31
CA HIS B 107 4.48 39.07 12.49
C HIS B 107 5.07 40.46 12.78
N GLU B 108 6.08 40.48 13.66
CA GLU B 108 6.86 41.69 13.96
C GLU B 108 7.42 42.36 12.70
N ILE B 109 8.04 41.57 11.83
CA ILE B 109 8.68 42.10 10.61
C ILE B 109 7.60 42.76 9.71
N LEU B 110 6.46 42.11 9.55
CA LEU B 110 5.45 42.62 8.64
C LEU B 110 4.67 43.81 9.19
N ASP B 111 4.36 43.81 10.50
CA ASP B 111 3.69 44.94 11.16
C ASP B 111 4.61 46.18 11.24
N SER B 112 5.91 45.96 11.43
CA SER B 112 6.83 47.05 11.61
C SER B 112 7.51 47.55 10.31
N ASN B 113 7.17 46.95 9.17
CA ASN B 113 7.91 47.18 7.93
C ASN B 113 9.42 47.21 8.10
N LEU B 114 9.98 46.41 9.00
CA LEU B 114 11.43 46.36 9.15
C LEU B 114 12.01 44.90 9.24
N LEU B 115 13.13 44.66 8.55
CA LEU B 115 13.80 43.38 8.58
C LEU B 115 15.22 43.53 9.06
N ASN B 116 15.58 42.79 10.09
CA ASN B 116 16.91 42.79 10.61
C ASN B 116 17.84 41.88 9.78
N LEU B 117 18.28 42.39 8.64
CA LEU B 117 19.04 41.64 7.65
C LEU B 117 20.31 41.09 8.23
N ALA B 118 20.44 39.77 8.18
CA ALA B 118 21.61 39.06 8.67
C ALA B 118 21.76 39.19 10.18
N GLY B 119 20.74 39.75 10.86
CA GLY B 119 20.78 40.03 12.29
C GLY B 119 21.76 41.17 12.67
N LYS B 120 22.17 41.97 11.67
CA LYS B 120 23.20 43.04 11.82
C LYS B 120 22.66 44.47 11.57
N LYS B 121 21.63 44.59 10.73
CA LYS B 121 21.25 45.84 10.10
C LYS B 121 19.75 45.88 9.89
N GLU B 122 19.02 46.83 10.50
CA GLU B 122 17.58 46.98 10.16
C GLU B 122 17.44 47.70 8.81
N ILE B 123 16.43 47.32 8.04
CA ILE B 123 16.16 47.91 6.71
C ILE B 123 14.67 47.82 6.43
N PRO B 124 14.16 48.76 5.62
CA PRO B 124 12.73 48.70 5.36
C PRO B 124 12.39 47.51 4.49
N PHE B 125 11.20 46.97 4.76
CA PHE B 125 10.68 45.78 4.10
C PHE B 125 9.17 45.92 3.94
N HIS B 126 8.72 45.98 2.69
CA HIS B 126 7.28 46.08 2.36
C HIS B 126 6.87 44.87 1.50
N GLU B 127 6.02 44.01 2.05
CA GLU B 127 5.55 42.86 1.33
C GLU B 127 4.95 43.12 -0.09
N ALA B 128 4.20 44.18 -0.26
CA ALA B 128 3.64 44.55 -1.55
C ALA B 128 4.71 44.55 -2.65
N THR B 129 5.88 45.11 -2.38
CA THR B 129 6.95 45.12 -3.37
C THR B 129 8.04 44.06 -3.10
N ASP B 130 8.16 43.53 -1.87
CA ASP B 130 9.36 42.73 -1.47
C ASP B 130 9.17 41.21 -1.31
N PHE B 131 7.95 40.73 -1.26
CA PHE B 131 7.69 39.34 -1.11
C PHE B 131 6.52 38.94 -2.03
N LEU B 132 6.83 38.42 -3.22
CA LEU B 132 5.82 38.09 -4.22
C LEU B 132 5.63 36.62 -4.43
N PHE B 133 4.37 36.20 -4.59
CA PHE B 133 4.00 34.82 -4.89
C PHE B 133 3.52 34.79 -6.34
N LEU B 134 4.33 34.19 -7.21
CA LEU B 134 4.05 34.11 -8.65
C LEU B 134 3.65 32.66 -9.02
N GLN B 135 2.43 32.34 -8.66
CA GLN B 135 1.86 31.00 -8.80
C GLN B 135 1.76 30.63 -10.27
N LYS B 136 1.61 31.63 -11.14
CA LYS B 136 1.40 31.41 -12.54
C LYS B 136 2.64 31.67 -13.35
N GLU B 137 3.81 31.58 -12.75
CA GLU B 137 5.04 31.71 -13.50
C GLU B 137 6.00 30.61 -13.05
N LEU B 138 6.93 30.25 -13.91
CA LEU B 138 7.85 29.23 -13.55
C LEU B 138 9.24 29.68 -13.84
N LEU B 139 10.21 29.22 -13.05
CA LEU B 139 11.58 29.33 -13.45
C LEU B 139 11.89 27.98 -14.06
N PRO B 140 12.80 27.95 -15.05
CA PRO B 140 12.85 26.82 -15.98
C PRO B 140 13.56 25.56 -15.52
N LYS B 141 14.42 25.58 -14.52
CA LYS B 141 15.07 24.30 -14.18
C LYS B 141 14.20 23.33 -13.41
N HIS B 142 13.24 23.85 -12.65
CA HIS B 142 12.52 23.07 -11.70
C HIS B 142 11.40 23.96 -11.21
N SER B 143 10.31 23.34 -10.82
CA SER B 143 9.16 24.07 -10.38
C SER B 143 9.31 24.72 -9.02
N ASN B 144 10.18 24.22 -8.13
CA ASN B 144 10.41 24.92 -6.82
C ASN B 144 11.46 25.98 -6.92
N GLY B 145 11.10 27.13 -7.45
CA GLY B 145 12.07 28.17 -7.78
C GLY B 145 11.86 29.48 -7.08
N MSE B 146 12.93 30.17 -6.78
CA MSE B 146 12.77 31.43 -6.16
C MSE B 146 13.89 32.33 -6.64
O MSE B 146 14.96 31.88 -7.06
CB MSE B 146 12.75 31.23 -4.64
CG MSE B 146 14.08 30.75 -4.15
SE MSE B 146 13.85 29.94 -2.35
CE MSE B 146 14.33 28.11 -2.85
N ARG B 147 13.65 33.64 -6.57
CA ARG B 147 14.71 34.61 -6.82
C ARG B 147 14.84 35.52 -5.64
N PHE B 148 16.06 35.78 -5.20
CA PHE B 148 16.35 36.86 -4.23
C PHE B 148 17.03 38.01 -4.92
N SER B 149 16.68 39.22 -4.54
CA SER B 149 17.26 40.42 -5.17
C SER B 149 17.61 41.39 -4.06
N ALA B 150 18.72 42.10 -4.21
CA ALA B 150 19.04 43.16 -3.28
C ALA B 150 19.24 44.45 -4.07
N PHE B 151 18.91 45.56 -3.42
CA PHE B 151 18.97 46.89 -4.03
C PHE B 151 19.62 47.88 -3.06
N ASP B 152 20.25 48.93 -3.58
CA ASP B 152 20.75 50.05 -2.75
C ASP B 152 19.65 51.06 -2.34
N GLY B 153 20.04 52.09 -1.56
CA GLY B 153 19.10 53.14 -1.11
C GLY B 153 18.59 54.03 -2.24
N ASN B 154 19.21 53.89 -3.40
CA ASN B 154 18.83 54.62 -4.61
C ASN B 154 18.01 53.77 -5.57
N ALA B 155 17.57 52.60 -5.09
CA ALA B 155 16.74 51.68 -5.89
C ALA B 155 17.45 51.02 -7.07
N ASN B 156 18.77 50.98 -7.06
CA ASN B 156 19.50 50.17 -8.04
C ASN B 156 19.68 48.74 -7.62
N LEU B 157 19.56 47.86 -8.62
CA LEU B 157 19.67 46.43 -8.45
C LEU B 157 21.15 46.10 -8.27
N LEU B 158 21.51 45.68 -7.06
CA LEU B 158 22.88 45.27 -6.80
C LEU B 158 23.08 43.87 -7.36
N ILE B 159 22.12 42.99 -7.06
CA ILE B 159 22.28 41.58 -7.47
C ILE B 159 20.94 40.85 -7.38
N GLU B 160 20.79 39.88 -8.28
CA GLU B 160 19.75 38.87 -8.19
C GLU B 160 20.37 37.46 -8.30
N GLN B 161 19.74 36.50 -7.60
CA GLN B 161 20.15 35.10 -7.56
C GLN B 161 18.89 34.20 -7.44
N VAL B 162 18.75 33.32 -8.42
CA VAL B 162 17.75 32.28 -8.43
C VAL B 162 18.28 31.04 -7.72
N TYR B 163 17.45 30.47 -6.84
CA TYR B 163 17.71 29.15 -6.14
C TYR B 163 16.59 28.19 -6.43
N TYR B 164 16.93 26.91 -6.51
CA TYR B 164 15.98 25.84 -6.62
C TYR B 164 16.11 25.00 -5.37
N SER B 165 14.96 24.70 -4.73
CA SER B 165 14.84 23.71 -3.64
C SER B 165 14.49 22.32 -4.26
N ILE B 166 15.48 21.45 -4.34
CA ILE B 166 15.40 20.27 -5.18
C ILE B 166 15.09 19.00 -4.42
N GLY B 167 14.67 19.12 -3.17
CA GLY B 167 14.25 17.98 -2.38
C GLY B 167 15.09 17.82 -1.09
N GLY B 168 14.46 17.38 -0.01
CA GLY B 168 15.24 16.97 1.21
C GLY B 168 15.79 18.18 1.95
N GLY B 169 15.48 19.36 1.42
CA GLY B 169 16.11 20.57 1.85
C GLY B 169 17.40 20.86 1.14
N PHE B 170 17.82 20.09 0.15
CA PHE B 170 19.01 20.45 -0.59
C PHE B 170 18.59 21.55 -1.54
N ILE B 171 19.55 22.41 -1.91
CA ILE B 171 19.35 23.48 -2.87
C ILE B 171 20.48 23.61 -3.85
N THR B 172 20.19 24.26 -4.96
CA THR B 172 21.22 24.63 -5.91
C THR B 172 20.96 26.03 -6.45
N THR B 173 22.01 26.71 -6.93
CA THR B 173 21.85 27.88 -7.74
C THR B 173 21.37 27.49 -9.11
N GLU B 174 20.83 28.46 -9.85
CA GLU B 174 20.48 28.23 -11.25
C GLU B 174 21.73 27.83 -12.05
N GLU B 175 22.84 28.52 -11.87
CA GLU B 175 24.05 28.21 -12.65
C GLU B 175 24.72 26.88 -12.21
N ASP B 176 24.48 26.38 -10.99
CA ASP B 176 24.99 25.04 -10.58
C ASP B 176 24.04 23.89 -10.81
N PHE B 177 22.82 24.14 -11.29
CA PHE B 177 21.83 23.06 -11.42
C PHE B 177 22.33 21.81 -12.15
N ASP B 178 23.10 21.99 -13.23
CA ASP B 178 23.67 20.84 -13.99
C ASP B 178 25.21 20.94 -14.11
N ASN B 185 34.61 11.93 -3.29
CA ASN B 185 35.75 11.25 -2.67
C ASN B 185 35.38 9.78 -2.44
N PRO B 186 35.79 8.86 -3.35
CA PRO B 186 35.12 7.56 -3.42
C PRO B 186 35.37 6.68 -2.18
N PRO B 187 34.33 5.95 -1.72
CA PRO B 187 34.49 5.04 -0.58
C PRO B 187 34.92 3.68 -1.10
N PRO B 188 35.24 2.75 -0.20
CA PRO B 188 35.80 1.49 -0.67
C PRO B 188 34.79 0.51 -1.21
N TYR B 189 33.53 0.58 -0.76
CA TYR B 189 32.53 -0.44 -1.14
C TYR B 189 31.29 0.17 -1.81
N PRO B 190 31.48 0.88 -2.93
CA PRO B 190 30.36 1.59 -3.55
C PRO B 190 29.39 0.61 -4.22
N PHE B 191 28.10 0.89 -4.13
CA PHE B 191 27.07 -0.01 -4.67
C PHE B 191 25.85 0.75 -5.21
N ALA B 192 25.32 0.33 -6.37
CA ALA B 192 24.14 0.98 -7.01
C ALA B 192 22.83 0.11 -7.02
N THR B 193 22.97 -1.18 -6.76
CA THR B 193 21.82 -2.08 -6.75
C THR B 193 21.79 -2.96 -5.50
N ALA B 194 20.60 -3.49 -5.20
CA ALA B 194 20.35 -4.39 -4.08
C ALA B 194 21.23 -5.60 -4.15
N THR B 195 21.39 -6.05 -5.39
CA THR B 195 22.16 -7.22 -5.76
C THR B 195 23.65 -6.99 -5.53
N GLU B 196 24.19 -5.87 -6.01
CA GLU B 196 25.59 -5.49 -5.72
C GLU B 196 25.85 -5.35 -4.20
N LEU B 197 24.90 -4.80 -3.45
CA LEU B 197 25.00 -4.72 -1.97
C LEU B 197 25.20 -6.09 -1.27
N LEU B 198 24.37 -7.07 -1.65
CA LEU B 198 24.52 -8.46 -1.14
C LEU B 198 25.86 -9.06 -1.56
N LYS B 199 26.20 -8.87 -2.82
CA LYS B 199 27.41 -9.47 -3.37
C LYS B 199 28.66 -8.96 -2.66
N LEU B 200 28.65 -7.68 -2.30
CA LEU B 200 29.80 -7.14 -1.62
C LEU B 200 29.85 -7.58 -0.16
N CYS B 201 28.71 -7.64 0.51
CA CYS B 201 28.62 -8.12 1.89
C CYS B 201 29.16 -9.55 2.05
N LYS B 202 28.73 -10.42 1.16
CA LYS B 202 29.19 -11.80 1.03
C LYS B 202 30.70 -11.91 0.83
N LYS B 203 31.21 -11.19 -0.16
CA LYS B 203 32.62 -11.21 -0.51
C LYS B 203 33.54 -10.66 0.61
N HIS B 204 33.09 -9.65 1.37
CA HIS B 204 33.91 -9.13 2.49
C HIS B 204 33.47 -9.53 3.91
N HIS B 205 32.46 -10.40 3.96
CA HIS B 205 31.99 -11.05 5.17
C HIS B 205 31.51 -9.98 6.15
N LEU B 206 30.55 -9.15 5.68
CA LEU B 206 30.00 -8.05 6.51
C LEU B 206 28.47 -8.04 6.56
N THR B 207 27.91 -7.41 7.58
CA THR B 207 26.48 -7.13 7.56
C THR B 207 26.29 -5.91 6.65
N ILE B 208 25.05 -5.49 6.43
CA ILE B 208 24.78 -4.27 5.64
C ILE B 208 25.27 -3.05 6.41
N ALA B 209 24.99 -2.99 7.70
CA ALA B 209 25.47 -1.90 8.51
C ALA B 209 26.97 -1.82 8.62
N GLU B 210 27.66 -2.96 8.57
CA GLU B 210 29.10 -2.90 8.74
C GLU B 210 29.73 -2.35 7.50
N LEU B 211 29.26 -2.79 6.35
CA LEU B 211 29.68 -2.26 5.08
C LEU B 211 29.46 -0.77 5.02
N MSE B 212 28.31 -0.33 5.49
CA MSE B 212 28.03 1.10 5.53
C MSE B 212 29.06 1.81 6.38
O MSE B 212 29.54 2.85 5.98
CB MSE B 212 26.65 1.39 6.08
CG MSE B 212 25.55 1.05 5.10
SE MSE B 212 25.52 2.38 3.64
CE MSE B 212 25.31 4.01 4.70
N LEU B 213 29.38 1.26 7.55
CA LEU B 213 30.31 1.94 8.45
C LEU B 213 31.61 2.19 7.75
N VAL B 214 32.10 1.16 7.07
CA VAL B 214 33.32 1.30 6.31
C VAL B 214 33.18 2.43 5.29
N ASN B 215 32.05 2.51 4.58
CA ASN B 215 31.86 3.62 3.61
C ASN B 215 31.81 4.99 4.31
N GLU B 216 31.17 5.08 5.46
CA GLU B 216 30.99 6.40 6.10
C GLU B 216 32.27 6.90 6.67
N LYS B 217 33.24 5.99 6.81
CA LYS B 217 34.49 6.35 7.46
C LYS B 217 35.44 6.98 6.46
N THR B 218 35.05 6.95 5.20
CA THR B 218 35.73 7.74 4.17
C THR B 218 35.61 9.26 4.49
N TRP B 219 34.49 9.69 5.10
CA TRP B 219 34.21 11.13 5.26
C TRP B 219 34.22 11.62 6.70
N ARG B 220 34.17 10.70 7.63
CA ARG B 220 34.16 11.12 8.99
C ARG B 220 34.92 10.09 9.83
N SER B 221 35.21 10.47 11.06
CA SER B 221 35.76 9.54 12.00
C SER B 221 34.58 8.77 12.55
N THR B 222 34.86 7.55 12.99
CA THR B 222 33.95 6.68 13.76
C THR B 222 33.25 7.39 14.90
N ALA B 223 33.96 8.29 15.60
CA ALA B 223 33.29 9.02 16.73
C ALA B 223 32.35 10.12 16.26
N GLU B 224 32.62 10.71 15.10
CA GLU B 224 31.66 11.69 14.48
C GLU B 224 30.38 10.94 14.07
N ILE B 225 30.60 9.87 13.32
CA ILE B 225 29.54 8.99 12.82
C ILE B 225 28.65 8.55 13.94
N HIS B 226 29.26 8.04 15.03
CA HIS B 226 28.49 7.55 16.18
C HIS B 226 27.76 8.65 16.92
N LYS B 227 28.44 9.77 17.12
CA LYS B 227 27.83 10.90 17.79
C LYS B 227 26.67 11.45 16.94
N GLY B 228 26.91 11.59 15.63
CA GLY B 228 25.82 12.05 14.71
C GLY B 228 24.57 11.15 14.80
N ILE B 229 24.76 9.84 14.89
CA ILE B 229 23.59 8.95 14.97
C ILE B 229 22.78 9.10 16.26
N LEU B 230 23.45 9.22 17.41
CA LEU B 230 22.73 9.42 18.69
C LEU B 230 22.05 10.78 18.77
N ASP B 231 22.69 11.83 18.24
CA ASP B 231 22.02 13.17 18.16
C ASP B 231 20.70 13.04 17.41
N ILE B 232 20.74 12.36 16.27
CA ILE B 232 19.52 12.16 15.47
C ILE B 232 18.51 11.43 16.36
N ALA B 233 18.95 10.35 16.97
CA ALA B 233 18.05 9.57 17.84
C ALA B 233 17.44 10.40 18.93
N LYS B 234 18.25 11.26 19.54
CA LYS B 234 17.71 12.12 20.63
C LYS B 234 16.63 13.09 20.13
N VAL B 235 16.94 13.77 19.02
CA VAL B 235 15.95 14.74 18.47
C VAL B 235 14.59 14.04 18.12
N MSE B 236 14.67 12.84 17.55
CA MSE B 236 13.45 12.04 17.19
C MSE B 236 12.64 11.76 18.43
O MSE B 236 11.40 12.08 18.52
CB MSE B 236 13.91 10.76 16.47
CG MSE B 236 14.16 10.95 14.97
SE MSE B 236 14.84 9.29 14.16
CE MSE B 236 15.84 9.68 12.49
N ASP B 237 13.33 11.24 19.44
CA ASP B 237 12.70 10.96 20.77
C ASP B 237 12.07 12.23 21.42
N ASP B 238 12.79 13.36 21.44
CA ASP B 238 12.12 14.67 21.86
C ASP B 238 10.89 15.12 21.04
N CYS B 239 10.97 14.90 19.72
CA CYS B 239 9.86 15.21 18.80
C CYS B 239 8.66 14.28 19.12
N ILE B 240 8.93 13.00 19.40
CA ILE B 240 7.83 12.15 19.84
C ILE B 240 7.20 12.70 21.11
N ASN B 241 8.01 13.10 22.10
CA ASN B 241 7.40 13.61 23.36
C ASN B 241 6.71 14.93 23.20
N ASN B 242 7.28 15.80 22.36
CA ASN B 242 6.62 17.08 22.06
C ASN B 242 5.28 16.80 21.42
N GLY B 243 5.24 15.80 20.54
CA GLY B 243 3.97 15.47 19.82
C GLY B 243 2.91 14.94 20.75
N CYS B 244 3.35 14.10 21.68
CA CYS B 244 2.46 13.56 22.69
C CYS B 244 1.88 14.57 23.65
N LYS B 245 2.49 15.76 23.73
CA LYS B 245 2.04 16.75 24.71
C LYS B 245 1.36 17.98 24.10
N HIS B 246 1.62 18.32 22.84
CA HIS B 246 1.08 19.58 22.33
C HIS B 246 -0.33 19.52 21.77
N ASP B 247 -1.34 19.67 22.62
CA ASP B 247 -2.73 19.78 22.15
C ASP B 247 -2.82 20.94 21.18
N GLY B 248 -3.80 20.91 20.29
CA GLY B 248 -3.94 21.92 19.26
C GLY B 248 -4.70 21.51 18.00
N VAL B 249 -5.00 22.54 17.23
CA VAL B 249 -5.62 22.49 15.94
C VAL B 249 -4.61 22.98 14.89
N LEU B 250 -4.31 22.09 13.94
CA LEU B 250 -3.30 22.34 12.94
C LEU B 250 -3.74 23.53 12.06
N PRO B 251 -2.76 24.34 11.66
CA PRO B 251 -3.02 25.46 10.75
C PRO B 251 -3.20 25.06 9.31
N GLY B 252 -3.57 26.02 8.48
CA GLY B 252 -3.48 25.88 7.03
C GLY B 252 -4.84 25.72 6.41
N GLY B 253 -5.82 25.39 7.24
CA GLY B 253 -7.21 25.42 6.84
C GLY B 253 -8.01 24.12 6.87
N LEU B 254 -7.45 23.00 7.32
CA LEU B 254 -8.32 21.77 7.46
C LEU B 254 -8.94 21.58 8.86
N ASN B 255 -8.60 22.46 9.78
CA ASN B 255 -9.05 22.38 11.17
C ASN B 255 -8.82 21.01 11.69
N LEU B 256 -7.63 20.50 11.41
CA LEU B 256 -7.33 19.15 11.73
C LEU B 256 -6.85 19.06 13.16
N LYS B 257 -7.62 18.37 13.98
CA LYS B 257 -7.28 18.27 15.36
C LYS B 257 -6.06 17.38 15.52
N ARG B 258 -5.19 17.77 16.40
CA ARG B 258 -4.11 16.93 16.74
C ARG B 258 -4.65 15.80 17.63
N ARG B 259 -4.35 14.56 17.31
CA ARG B 259 -4.92 13.42 18.01
C ARG B 259 -3.96 12.77 19.00
N ALA B 260 -2.68 12.95 18.77
CA ALA B 260 -1.70 12.22 19.57
C ALA B 260 -1.70 12.52 21.10
N PRO B 261 -2.02 13.77 21.50
CA PRO B 261 -2.04 14.04 22.94
C PRO B 261 -3.19 13.36 23.72
N ASP B 262 -4.43 13.40 23.20
CA ASP B 262 -5.49 12.58 23.83
C ASP B 262 -5.18 11.09 23.84
N LEU B 263 -4.72 10.57 22.71
CA LEU B 263 -4.34 9.15 22.63
C LEU B 263 -3.23 8.87 23.65
N TYR B 264 -2.32 9.82 23.85
CA TYR B 264 -1.26 9.65 24.88
C TYR B 264 -1.80 9.49 26.29
N ARG B 265 -2.74 10.33 26.63
CA ARG B 265 -3.40 10.30 27.91
C ARG B 265 -4.13 9.01 28.18
N LYS B 266 -4.84 8.52 27.16
CA LYS B 266 -5.56 7.26 27.27
C LYS B 266 -4.59 6.09 27.44
N LEU B 267 -3.60 5.95 26.54
CA LEU B 267 -2.77 4.76 26.55
C LEU B 267 -1.61 4.78 27.52
N ILE B 268 -1.17 5.96 27.95
CA ILE B 268 0.07 5.99 28.74
C ILE B 268 -0.14 6.48 30.17
N GLU B 269 -1.05 7.43 30.32
CA GLU B 269 -1.30 8.08 31.58
C GLU B 269 -2.62 7.64 32.23
N GLN B 270 -3.31 6.67 31.63
CA GLN B 270 -4.46 6.03 32.25
C GLN B 270 -5.48 7.05 32.64
N LYS B 271 -5.76 8.02 31.76
CA LYS B 271 -6.87 8.96 31.96
C LYS B 271 -7.81 8.99 30.76
N GLY B 272 -9.08 9.24 31.07
CA GLY B 272 -10.19 9.07 30.16
C GLY B 272 -10.55 7.61 29.86
N VAL B 273 -11.59 7.47 29.05
CA VAL B 273 -12.18 6.19 28.77
C VAL B 273 -11.70 5.76 27.38
N LYS B 274 -10.99 4.65 27.34
CA LYS B 274 -10.59 4.00 26.10
C LYS B 274 -11.84 3.61 25.25
N SER B 275 -11.88 4.05 24.00
CA SER B 275 -12.87 3.55 23.08
C SER B 275 -12.58 2.10 22.79
N VAL B 276 -13.55 1.53 22.12
CA VAL B 276 -13.42 0.18 21.58
C VAL B 276 -12.27 0.08 20.53
N PHE B 277 -11.92 1.20 19.90
CA PHE B 277 -10.81 1.26 18.93
C PHE B 277 -9.53 1.84 19.51
N GLU B 278 -9.48 2.05 20.83
CA GLU B 278 -8.31 2.67 21.46
C GLU B 278 -7.64 1.74 22.43
N GLN B 279 -7.38 0.51 22.02
CA GLN B 279 -6.73 -0.44 22.92
C GLN B 279 -5.21 -0.20 22.87
N SER B 280 -4.54 -0.53 23.98
CA SER B 280 -3.13 -0.29 24.12
C SER B 280 -2.30 -1.43 23.60
N ASP B 281 -2.13 -1.49 22.30
CA ASP B 281 -1.36 -2.59 21.69
C ASP B 281 -0.24 -1.98 20.81
N ILE B 282 0.63 -2.86 20.33
CA ILE B 282 1.75 -2.53 19.43
C ILE B 282 1.37 -1.53 18.32
N MSE B 283 0.16 -1.72 17.77
CA MSE B 283 -0.25 -1.01 16.59
C MSE B 283 -0.66 0.40 16.96
O MSE B 283 -0.27 1.33 16.25
CB MSE B 283 -1.36 -1.85 15.94
CG MSE B 283 -1.51 -1.67 14.43
SE MSE B 283 -3.13 -2.57 13.67
CE MSE B 283 -2.41 -4.38 13.81
N ASN B 284 -1.45 0.58 18.00
CA ASN B 284 -1.88 1.91 18.41
C ASN B 284 -0.70 2.67 19.00
N HIS B 285 0.38 1.99 19.38
CA HIS B 285 1.58 2.68 19.88
C HIS B 285 2.37 3.18 18.69
N LEU B 286 2.42 2.41 17.64
CA LEU B 286 3.03 2.88 16.39
C LEU B 286 2.25 4.02 15.88
N ASN B 287 0.93 3.88 15.87
CA ASN B 287 0.09 5.00 15.55
C ASN B 287 0.39 6.24 16.37
N LEU B 288 0.55 6.07 17.68
CA LEU B 288 0.73 7.23 18.61
C LEU B 288 2.06 7.93 18.29
N TYR B 289 3.13 7.15 18.13
CA TYR B 289 4.45 7.70 17.91
C TYR B 289 4.57 8.39 16.53
N ALA B 290 4.00 7.79 15.47
CA ALA B 290 4.09 8.35 14.13
C ALA B 290 3.30 9.60 14.05
N MSE B 291 2.08 9.61 14.61
CA MSE B 291 1.18 10.76 14.51
C MSE B 291 1.67 11.91 15.33
O MSE B 291 1.39 13.05 15.00
CB MSE B 291 -0.25 10.51 15.00
CG MSE B 291 -0.99 9.51 14.11
SE MSE B 291 -2.81 9.13 14.81
CE MSE B 291 -3.98 10.44 13.90
N ALA B 292 2.31 11.60 16.47
CA ALA B 292 2.93 12.61 17.31
C ALA B 292 3.99 13.33 16.44
N VAL B 293 4.90 12.59 15.82
CA VAL B 293 5.97 13.20 15.03
C VAL B 293 5.41 14.04 13.83
N ASN B 294 4.45 13.47 13.10
CA ASN B 294 3.90 14.14 11.92
C ASN B 294 2.99 15.29 12.25
N GLU B 295 2.37 15.22 13.44
CA GLU B 295 1.63 16.33 13.92
C GLU B 295 2.60 17.52 14.30
N GLU B 296 3.68 17.23 15.03
CA GLU B 296 4.72 18.24 15.31
C GLU B 296 5.13 18.88 13.92
N ASN B 297 5.42 18.03 12.96
CA ASN B 297 5.92 18.48 11.66
C ASN B 297 4.97 19.41 11.03
N ALA B 298 3.70 19.03 10.99
CA ALA B 298 2.71 19.88 10.39
C ALA B 298 2.62 21.20 11.16
N ALA B 299 2.87 21.17 12.47
CA ALA B 299 2.73 22.39 13.26
C ALA B 299 3.90 23.32 13.14
N GLY B 300 5.03 22.87 12.58
CA GLY B 300 6.23 23.67 12.49
C GLY B 300 7.31 23.47 13.55
N GLY B 301 7.26 22.35 14.27
CA GLY B 301 8.24 22.03 15.31
C GLY B 301 9.49 21.45 14.70
N ARG B 302 10.47 21.23 15.55
CA ARG B 302 11.72 20.61 15.14
C ARG B 302 11.51 19.20 14.65
N ILE B 303 12.16 18.83 13.56
CA ILE B 303 11.90 17.57 12.87
C ILE B 303 13.21 17.05 12.28
N VAL B 304 13.40 15.75 12.28
CA VAL B 304 14.52 15.14 11.59
C VAL B 304 13.96 14.49 10.30
N THR B 305 14.57 14.84 9.17
CA THR B 305 14.11 14.32 7.88
C THR B 305 14.35 12.82 7.96
N ALA B 306 13.59 12.00 7.21
CA ALA B 306 13.86 10.55 7.28
C ALA B 306 13.14 9.77 6.16
N PRO B 307 13.39 10.13 4.89
CA PRO B 307 14.37 11.06 4.34
C PRO B 307 13.79 12.47 4.08
N THR B 308 12.59 12.77 4.50
CA THR B 308 12.02 14.07 4.26
C THR B 308 11.18 14.35 5.45
N ASN B 309 10.75 15.59 5.62
CA ASN B 309 9.95 15.95 6.75
C ASN B 309 8.58 15.28 6.71
N GLY B 310 8.03 15.09 5.50
CA GLY B 310 6.75 14.44 5.37
C GLY B 310 6.66 12.99 5.81
N ALA B 311 7.76 12.29 5.66
CA ALA B 311 7.91 10.89 5.95
C ALA B 311 8.57 10.68 7.35
N ALA B 312 8.58 11.71 8.15
CA ALA B 312 9.47 11.73 9.30
C ALA B 312 8.99 10.84 10.47
N GLY B 313 7.70 10.54 10.52
CA GLY B 313 7.08 9.75 11.58
C GLY B 313 7.51 8.29 11.66
N ILE B 314 7.87 7.71 10.53
CA ILE B 314 7.92 6.28 10.46
C ILE B 314 9.11 5.75 11.20
N ILE B 315 10.29 6.28 10.89
CA ILE B 315 11.52 5.75 11.44
C ILE B 315 11.63 5.86 12.99
N PRO B 316 11.29 7.00 13.56
CA PRO B 316 11.32 7.10 15.00
C PRO B 316 10.26 6.22 15.67
N ALA B 317 9.06 6.13 15.09
CA ALA B 317 8.01 5.29 15.69
C ALA B 317 8.52 3.86 15.77
N VAL B 318 9.11 3.42 14.68
CA VAL B 318 9.66 2.10 14.67
C VAL B 318 10.82 1.94 15.65
N LEU B 319 11.71 2.91 15.71
CA LEU B 319 12.86 2.79 16.62
C LEU B 319 12.35 2.76 18.06
N LYS B 320 11.36 3.59 18.35
CA LYS B 320 10.83 3.65 19.66
C LYS B 320 10.14 2.34 20.11
N TYR B 321 9.28 1.76 19.28
CA TYR B 321 8.83 0.37 19.44
C TYR B 321 10.02 -0.56 19.66
N CYS B 322 11.03 -0.49 18.83
CA CYS B 322 12.12 -1.42 19.03
C CYS B 322 12.69 -1.29 20.47
N GLN B 323 12.63 -0.05 21.01
CA GLN B 323 13.20 0.28 22.31
C GLN B 323 12.32 -0.29 23.41
N GLN B 324 11.02 0.01 23.35
CA GLN B 324 10.05 -0.48 24.32
C GLN B 324 9.96 -2.02 24.32
N ALA B 325 10.30 -2.67 23.21
CA ALA B 325 10.22 -4.14 23.10
C ALA B 325 11.45 -4.87 23.65
N HIS B 326 12.65 -4.29 23.52
CA HIS B 326 13.91 -4.91 24.02
C HIS B 326 14.76 -3.93 24.76
N ASP B 327 14.53 -3.76 26.07
CA ASP B 327 15.22 -2.67 26.79
C ASP B 327 16.70 -2.99 27.07
N ARG B 328 17.20 -4.13 26.59
CA ARG B 328 18.65 -4.31 26.44
C ARG B 328 19.16 -3.77 25.07
N MSE B 329 18.45 -2.81 24.45
CA MSE B 329 18.90 -2.20 23.18
C MSE B 329 20.16 -1.38 23.42
O MSE B 329 20.14 -0.41 24.17
CB MSE B 329 17.84 -1.30 22.50
CG MSE B 329 18.25 -0.97 21.05
SE MSE B 329 16.82 -0.16 19.92
CE MSE B 329 17.71 -0.55 18.21
N SER B 330 21.26 -1.78 22.78
CA SER B 330 22.55 -1.09 22.87
C SER B 330 22.78 0.02 21.81
N ASN B 331 23.86 0.78 22.01
CA ASN B 331 24.22 1.83 21.10
C ASN B 331 24.51 1.20 19.74
N GLU B 332 25.13 0.02 19.77
CA GLU B 332 25.45 -0.70 18.51
C GLU B 332 24.18 -1.18 17.76
N ASP B 333 23.08 -1.44 18.44
CA ASP B 333 21.85 -1.79 17.74
C ASP B 333 21.32 -0.52 17.03
N ILE B 334 21.35 0.61 17.74
CA ILE B 334 20.96 1.90 17.22
C ILE B 334 21.82 2.29 16.00
N TYR B 335 23.15 2.07 16.05
CA TYR B 335 23.97 2.40 14.92
C TYR B 335 23.48 1.54 13.78
N THR B 336 23.22 0.27 14.08
CA THR B 336 22.95 -0.68 13.01
C THR B 336 21.63 -0.35 12.30
N TYR B 337 20.64 -0.01 13.09
CA TYR B 337 19.35 0.42 12.61
C TYR B 337 19.44 1.57 11.59
N PHE B 338 20.18 2.63 11.96
CA PHE B 338 20.41 3.81 11.08
C PHE B 338 21.25 3.52 9.86
N LEU B 339 22.29 2.74 10.01
CA LEU B 339 23.17 2.46 8.88
C LEU B 339 22.50 1.49 7.90
N THR B 340 21.70 0.58 8.45
CA THR B 340 21.00 -0.38 7.64
C THR B 340 19.92 0.39 6.89
N ALA B 341 19.15 1.19 7.63
CA ALA B 341 18.19 2.10 7.01
C ALA B 341 18.87 2.93 5.86
N ALA B 342 19.95 3.64 6.17
CA ALA B 342 20.73 4.38 5.16
C ALA B 342 21.07 3.60 3.95
N ALA B 343 21.58 2.39 4.11
CA ALA B 343 21.88 1.58 2.93
C ALA B 343 20.72 1.40 1.97
N ILE B 344 19.52 1.11 2.51
CA ILE B 344 18.34 0.89 1.71
C ILE B 344 17.93 2.22 1.02
N GLY B 345 17.96 3.31 1.77
CA GLY B 345 17.78 4.66 1.25
C GLY B 345 18.63 4.87 0.00
N ILE B 346 19.90 4.58 0.10
CA ILE B 346 20.81 4.73 -1.01
C ILE B 346 20.33 3.96 -2.26
N LEU B 347 19.81 2.75 -2.04
CA LEU B 347 19.37 1.94 -3.15
C LEU B 347 18.34 2.65 -4.00
N TYR B 348 17.46 3.37 -3.33
CA TYR B 348 16.34 4.05 -3.94
C TYR B 348 16.76 5.38 -4.55
N LYS B 349 17.71 6.09 -3.92
CA LYS B 349 18.17 7.42 -4.40
C LYS B 349 19.26 7.32 -5.48
N LYS B 350 20.20 6.41 -5.31
CA LYS B 350 21.32 6.19 -6.25
C LYS B 350 20.81 5.41 -7.45
N SER B 355 17.87 15.05 -10.42
CA SER B 355 16.82 15.69 -9.64
C SER B 355 15.47 15.13 -10.07
N GLY B 356 15.40 14.58 -11.28
CA GLY B 356 14.30 13.68 -11.69
C GLY B 356 14.19 12.36 -10.92
N ALA B 357 14.73 12.33 -9.68
CA ALA B 357 14.41 11.38 -8.58
C ALA B 357 13.03 11.60 -7.93
N GLU B 358 12.11 12.29 -8.62
CA GLU B 358 10.85 12.58 -8.00
C GLU B 358 9.84 11.55 -8.51
N VAL B 359 9.38 10.76 -7.55
CA VAL B 359 8.57 9.63 -7.83
C VAL B 359 7.35 9.53 -6.95
N GLY B 360 6.91 10.65 -6.40
CA GLY B 360 5.71 10.65 -5.56
C GLY B 360 6.01 10.21 -4.14
N CYS B 361 4.95 9.89 -3.39
CA CYS B 361 5.06 9.65 -1.96
C CYS B 361 5.76 8.34 -1.69
N GLN B 362 5.75 7.45 -2.66
CA GLN B 362 6.47 6.21 -2.52
C GLN B 362 7.95 6.46 -2.35
N GLY B 363 8.45 7.56 -2.91
CA GLY B 363 9.88 7.90 -2.78
C GLY B 363 10.27 8.61 -1.47
N GLU B 364 9.27 8.83 -0.62
CA GLU B 364 9.37 9.44 0.70
C GLU B 364 8.80 8.55 1.81
N VAL B 365 7.50 8.49 2.02
CA VAL B 365 6.89 7.60 3.02
C VAL B 365 7.26 6.16 2.67
N GLY B 366 7.20 5.85 1.37
CA GLY B 366 7.53 4.50 0.89
C GLY B 366 8.93 4.11 1.27
N VAL B 367 9.88 4.99 0.95
CA VAL B 367 11.30 4.77 1.25
C VAL B 367 11.53 4.76 2.79
N ALA B 368 10.83 5.58 3.54
CA ALA B 368 10.91 5.60 5.02
C ALA B 368 10.49 4.22 5.64
N SER B 369 9.46 3.61 5.06
CA SER B 369 8.91 2.35 5.58
C SER B 369 9.84 1.21 5.24
N SER B 370 10.36 1.27 4.05
CA SER B 370 11.33 0.29 3.58
C SER B 370 12.64 0.32 4.41
N MSE B 371 13.12 1.53 4.68
CA MSE B 371 14.29 1.76 5.52
C MSE B 371 14.08 1.25 6.95
O MSE B 371 14.90 0.63 7.54
CB MSE B 371 14.54 3.27 5.58
CG MSE B 371 15.22 3.81 4.31
SE MSE B 371 16.04 5.60 4.64
CE MSE B 371 14.45 6.61 5.08
N ALA B 372 12.97 1.59 7.52
CA ALA B 372 12.67 1.24 8.86
C ALA B 372 12.54 -0.28 8.98
N ALA B 373 11.96 -0.89 7.95
CA ALA B 373 11.78 -2.33 7.92
C ALA B 373 13.08 -3.05 7.90
N ALA B 374 13.95 -2.56 7.05
CA ALA B 374 15.29 -3.10 6.94
C ALA B 374 16.15 -2.92 8.19
N GLY B 375 15.98 -1.80 8.89
CA GLY B 375 16.70 -1.58 10.09
C GLY B 375 16.32 -2.54 11.21
N LEU B 376 15.03 -2.61 11.50
CA LEU B 376 14.48 -3.46 12.51
C LEU B 376 14.85 -4.90 12.23
N THR B 377 14.79 -5.27 10.96
CA THR B 377 15.06 -6.63 10.61
C THR B 377 16.53 -6.96 10.92
N ALA B 378 17.45 -6.05 10.66
CA ALA B 378 18.86 -6.32 10.90
C ALA B 378 19.13 -6.40 12.40
N VAL B 379 18.52 -5.49 13.12
CA VAL B 379 18.67 -5.47 14.54
C VAL B 379 18.08 -6.71 15.19
N LEU B 380 17.03 -7.28 14.60
CA LEU B 380 16.36 -8.45 15.19
C LEU B 380 17.04 -9.71 14.72
N GLY B 381 18.04 -9.60 13.87
CA GLY B 381 18.89 -10.76 13.54
C GLY B 381 18.74 -11.36 12.15
N GLY B 382 18.13 -10.65 11.22
CA GLY B 382 17.96 -11.23 9.90
C GLY B 382 19.28 -11.31 9.18
N THR B 383 19.37 -12.26 8.25
CA THR B 383 20.40 -12.25 7.26
C THR B 383 20.24 -10.99 6.35
N ILE B 384 21.33 -10.67 5.67
CA ILE B 384 21.47 -9.83 4.50
C ILE B 384 20.23 -9.94 3.56
N GLU B 385 19.84 -11.18 3.22
CA GLU B 385 18.73 -11.46 2.31
C GLU B 385 17.39 -11.11 2.93
N GLN B 386 17.21 -11.47 4.20
CA GLN B 386 16.04 -11.02 4.98
C GLN B 386 15.93 -9.52 5.23
N VAL B 387 17.06 -8.81 5.18
CA VAL B 387 17.03 -7.37 5.42
C VAL B 387 16.45 -6.73 4.14
N GLU B 388 16.92 -7.21 2.99
CA GLU B 388 16.42 -6.81 1.67
C GLU B 388 15.01 -7.24 1.46
N ASN B 389 14.72 -8.50 1.77
CA ASN B 389 13.35 -8.98 1.68
C ASN B 389 12.41 -8.08 2.47
N ALA B 390 12.84 -7.61 3.64
CA ALA B 390 11.94 -6.82 4.50
C ALA B 390 11.67 -5.43 3.86
N ALA B 391 12.74 -4.84 3.35
CA ALA B 391 12.68 -3.58 2.65
C ALA B 391 11.76 -3.69 1.45
N GLU B 392 11.77 -4.85 0.82
CA GLU B 392 11.11 -5.11 -0.45
C GLU B 392 9.64 -5.17 -0.20
N ILE B 393 9.24 -5.88 0.84
CA ILE B 393 7.82 -5.92 1.17
C ILE B 393 7.24 -4.55 1.57
N ALA B 394 7.96 -3.86 2.46
CA ALA B 394 7.53 -2.56 2.87
C ALA B 394 7.31 -1.67 1.60
N MSE B 395 8.29 -1.62 0.71
CA MSE B 395 8.17 -0.78 -0.55
C MSE B 395 6.99 -1.26 -1.43
O MSE B 395 6.11 -0.49 -1.81
CB MSE B 395 9.49 -0.72 -1.34
CG MSE B 395 9.42 0.18 -2.60
SE MSE B 395 8.76 2.01 -2.29
CE MSE B 395 10.51 2.73 -1.92
N GLU B 396 6.90 -2.57 -1.64
CA GLU B 396 5.85 -3.16 -2.43
C GLU B 396 4.58 -2.56 -2.03
N HIS B 397 4.41 -2.39 -0.74
CA HIS B 397 3.14 -1.92 -0.23
C HIS B 397 2.93 -0.42 -0.26
N HIS B 398 3.77 0.25 -1.00
CA HIS B 398 3.58 1.65 -1.34
C HIS B 398 3.71 1.94 -2.85
N LEU B 399 3.93 0.95 -3.68
CA LEU B 399 4.28 1.26 -5.08
C LEU B 399 3.16 2.06 -5.71
N GLY B 400 3.49 3.11 -6.41
CA GLY B 400 2.45 3.86 -7.14
C GLY B 400 1.89 5.02 -6.34
N MSE B 401 2.33 5.20 -5.08
CA MSE B 401 1.71 6.19 -4.23
C MSE B 401 2.14 7.59 -4.59
O MSE B 401 3.34 7.92 -4.60
CB MSE B 401 2.05 5.83 -2.78
CG MSE B 401 1.26 6.63 -1.81
SE MSE B 401 1.71 6.07 0.09
CE MSE B 401 0.34 4.67 0.11
N THR B 402 1.16 8.44 -4.87
CA THR B 402 1.42 9.70 -5.47
C THR B 402 1.34 10.78 -4.42
N CYS B 403 1.79 11.99 -4.77
CA CYS B 403 1.69 13.16 -3.88
C CYS B 403 0.67 14.20 -4.39
N ASP B 404 -0.50 14.19 -3.74
CA ASP B 404 -1.56 15.11 -4.02
C ASP B 404 -2.31 15.45 -2.75
N PRO B 405 -1.60 16.04 -1.77
CA PRO B 405 -2.18 16.13 -0.46
C PRO B 405 -3.21 17.22 -0.38
N VAL B 406 -4.16 17.10 0.54
CA VAL B 406 -5.31 17.98 0.56
C VAL B 406 -4.89 19.43 0.90
N LEU B 407 -5.31 20.36 0.04
CA LEU B 407 -4.91 21.78 0.01
C LEU B 407 -3.42 22.04 -0.14
N GLY B 408 -2.62 21.03 -0.38
CA GLY B 408 -1.18 21.28 -0.44
C GLY B 408 -0.41 21.08 0.84
N LEU B 409 -1.10 20.85 1.95
CA LEU B 409 -0.46 20.80 3.29
C LEU B 409 0.08 19.44 3.62
N VAL B 410 1.05 19.40 4.51
CA VAL B 410 1.61 18.10 4.90
C VAL B 410 0.84 17.51 6.08
N GLN B 411 -0.41 17.13 5.78
CA GLN B 411 -1.42 16.70 6.78
C GLN B 411 -2.28 15.52 6.35
N ILE B 412 -3.03 15.70 5.27
CA ILE B 412 -3.91 14.67 4.75
C ILE B 412 -3.56 14.41 3.30
N PRO B 413 -3.13 13.18 2.99
CA PRO B 413 -3.02 11.93 3.74
C PRO B 413 -1.74 11.69 4.48
N CYS B 414 -0.88 12.69 4.52
CA CYS B 414 0.49 12.49 5.04
C CYS B 414 0.49 11.90 6.46
N ILE B 415 -0.33 12.42 7.35
CA ILE B 415 -0.25 11.93 8.74
C ILE B 415 -0.70 10.48 8.82
N GLU B 416 -1.82 10.13 8.22
CA GLU B 416 -2.26 8.70 8.26
C GLU B 416 -1.28 7.77 7.53
N ARG B 417 -0.59 8.26 6.50
CA ARG B 417 0.44 7.45 5.85
C ARG B 417 1.64 7.07 6.66
N ASN B 418 2.11 7.94 7.57
CA ASN B 418 3.25 7.57 8.43
C ASN B 418 2.86 6.53 9.52
N ALA B 419 1.68 6.69 10.08
CA ALA B 419 1.14 5.70 10.99
C ALA B 419 1.08 4.38 10.24
N MSE B 420 0.39 4.42 9.09
CA MSE B 420 0.22 3.24 8.26
C MSE B 420 1.57 2.74 7.89
O MSE B 420 1.81 1.54 7.93
CB MSE B 420 -0.61 3.49 7.00
CG MSE B 420 -2.02 3.88 7.36
SE MSE B 420 -3.23 2.37 7.78
CE MSE B 420 -2.25 0.94 6.86
N GLY B 421 2.47 3.66 7.57
CA GLY B 421 3.85 3.25 7.19
C GLY B 421 4.66 2.59 8.31
N ALA B 422 4.43 2.99 9.56
CA ALA B 422 5.17 2.38 10.66
C ALA B 422 4.71 0.96 10.86
N VAL B 423 3.39 0.78 10.90
CA VAL B 423 2.76 -0.55 10.99
C VAL B 423 3.16 -1.48 9.85
N LYS B 424 3.18 -1.00 8.59
CA LYS B 424 3.68 -1.84 7.48
C LYS B 424 5.11 -2.22 7.66
N ALA B 425 5.91 -1.35 8.21
CA ALA B 425 7.33 -1.63 8.29
C ALA B 425 7.54 -2.74 9.34
N VAL B 426 6.85 -2.68 10.47
CA VAL B 426 6.98 -3.75 11.49
C VAL B 426 6.45 -5.08 10.91
N ASN B 427 5.28 -5.03 10.25
CA ASN B 427 4.71 -6.27 9.66
C ASN B 427 5.59 -6.82 8.53
N ALA B 428 6.20 -5.95 7.75
CA ALA B 428 7.11 -6.45 6.71
C ALA B 428 8.27 -7.18 7.34
N THR B 429 8.79 -6.59 8.40
CA THR B 429 9.81 -7.27 9.23
C THR B 429 9.41 -8.67 9.68
N ARG B 430 8.20 -8.79 10.26
CA ARG B 430 7.57 -10.05 10.70
C ARG B 430 7.43 -11.07 9.55
N MSE B 431 6.97 -10.58 8.37
CA MSE B 431 6.90 -11.40 7.16
C MSE B 431 8.25 -11.91 6.83
O MSE B 431 8.40 -13.07 6.47
CB MSE B 431 6.39 -10.68 5.91
CG MSE B 431 4.91 -10.29 6.07
SE MSE B 431 3.88 -11.93 6.34
CE MSE B 431 3.56 -12.00 8.27
N ALA B 432 9.27 -11.09 6.92
CA ALA B 432 10.58 -11.56 6.42
C ALA B 432 11.20 -12.59 7.40
N LEU B 433 10.87 -12.46 8.68
CA LEU B 433 11.47 -13.33 9.72
C LEU B 433 10.66 -14.61 9.85
N ILE B 434 9.35 -14.47 10.05
CA ILE B 434 8.43 -15.62 10.08
C ILE B 434 8.55 -16.41 8.79
N GLY B 435 8.44 -15.71 7.67
CA GLY B 435 8.65 -16.33 6.36
C GLY B 435 10.03 -16.93 6.07
N ASP B 436 10.99 -16.81 7.00
CA ASP B 436 12.41 -17.27 6.78
C ASP B 436 12.99 -16.77 5.48
N GLY B 437 12.52 -15.59 5.05
CA GLY B 437 12.94 -15.02 3.77
C GLY B 437 12.38 -15.67 2.52
N GLN B 438 11.37 -16.53 2.65
CA GLN B 438 10.85 -17.22 1.44
C GLN B 438 9.90 -16.32 0.63
N HIS B 439 9.16 -15.45 1.31
CA HIS B 439 8.14 -14.65 0.67
C HIS B 439 8.71 -13.38 0.15
N GLN B 440 9.54 -13.54 -0.87
CA GLN B 440 10.37 -12.47 -1.38
C GLN B 440 10.36 -12.44 -2.89
N ILE B 441 10.46 -11.22 -3.40
CA ILE B 441 10.65 -10.85 -4.80
C ILE B 441 11.91 -9.98 -4.81
N SER B 442 12.70 -10.03 -5.88
CA SER B 442 13.92 -9.22 -5.99
C SER B 442 13.64 -7.77 -5.62
N LEU B 443 14.37 -7.27 -4.63
CA LEU B 443 14.34 -5.84 -4.34
C LEU B 443 14.71 -4.97 -5.58
N ASP B 444 15.66 -5.38 -6.40
CA ASP B 444 15.95 -4.59 -7.61
C ASP B 444 14.71 -4.49 -8.47
N LYS B 445 13.90 -5.53 -8.53
CA LYS B 445 12.67 -5.40 -9.34
C LYS B 445 11.73 -4.35 -8.75
N VAL B 446 11.58 -4.35 -7.43
CA VAL B 446 10.67 -3.40 -6.79
C VAL B 446 11.17 -1.97 -7.00
N ILE B 447 12.47 -1.78 -7.14
CA ILE B 447 13.02 -0.43 -7.35
C ILE B 447 12.77 0.02 -8.77
N LYS B 448 12.96 -0.87 -9.71
CA LYS B 448 12.54 -0.63 -11.07
C LYS B 448 11.04 -0.28 -11.14
N THR B 449 10.17 -1.00 -10.47
CA THR B 449 8.79 -0.59 -10.51
C THR B 449 8.53 0.82 -9.90
N MSE B 450 9.24 1.13 -8.83
CA MSE B 450 9.14 2.46 -8.23
C MSE B 450 9.44 3.54 -9.26
O MSE B 450 8.68 4.52 -9.41
CB MSE B 450 10.07 2.56 -7.02
CG MSE B 450 9.95 3.93 -6.40
SE MSE B 450 11.34 4.26 -5.01
CE MSE B 450 12.68 4.84 -6.35
N LYS B 451 10.58 3.37 -9.94
CA LYS B 451 11.04 4.30 -10.98
C LYS B 451 10.11 4.44 -12.18
N GLN B 452 9.53 3.34 -12.67
CA GLN B 452 8.56 3.42 -13.78
C GLN B 452 7.19 4.01 -13.38
N THR B 453 6.59 3.56 -12.28
CA THR B 453 5.34 4.17 -11.88
C THR B 453 5.58 5.67 -11.62
N GLY B 454 6.77 6.00 -11.10
CA GLY B 454 7.18 7.41 -10.89
C GLY B 454 7.22 8.28 -12.15
N MSE B 455 7.79 7.74 -13.21
CA MSE B 455 7.74 8.41 -14.52
C MSE B 455 6.33 8.56 -15.00
O MSE B 455 5.94 9.66 -15.37
CB MSE B 455 8.53 7.59 -15.53
CG MSE B 455 8.46 8.20 -16.91
SE MSE B 455 10.28 8.06 -17.60
CE MSE B 455 10.69 6.20 -17.12
N ASP B 456 5.52 7.49 -14.93
CA ASP B 456 4.14 7.53 -15.41
C ASP B 456 3.36 8.68 -14.74
N MSE B 457 3.81 9.08 -13.55
CA MSE B 457 3.17 10.10 -12.72
C MSE B 457 3.34 11.49 -13.26
O MSE B 457 2.57 12.40 -12.91
CB MSE B 457 3.81 10.12 -11.32
CG MSE B 457 3.09 9.18 -10.38
SE MSE B 457 3.99 9.27 -8.64
CE MSE B 457 3.90 7.34 -8.24
N GLN B 458 4.40 11.69 -14.03
CA GLN B 458 4.62 12.97 -14.74
C GLN B 458 3.40 13.40 -15.58
N SER B 459 2.52 12.47 -15.88
CA SER B 459 1.34 12.74 -16.67
C SER B 459 0.04 12.76 -15.90
N ILE B 460 0.07 12.70 -14.57
CA ILE B 460 -1.14 12.83 -13.72
C ILE B 460 -1.02 14.10 -12.88
N TYR B 461 -2.02 14.97 -12.99
CA TYR B 461 -1.87 16.33 -12.49
C TYR B 461 -2.88 16.57 -11.39
N LYS B 462 -2.56 17.48 -10.48
CA LYS B 462 -3.54 17.95 -9.51
C LYS B 462 -4.64 18.76 -10.18
N GLU B 463 -5.73 18.95 -9.44
CA GLU B 463 -6.76 19.91 -9.86
C GLU B 463 -6.11 21.28 -10.14
N THR B 464 -6.60 22.02 -11.14
CA THR B 464 -6.08 23.37 -11.44
C THR B 464 -6.33 24.40 -10.32
N SER B 465 -7.18 24.08 -9.33
CA SER B 465 -7.22 24.83 -8.04
C SER B 465 -5.96 24.59 -7.17
N MSE B 466 -5.36 23.40 -7.31
CA MSE B 466 -4.07 23.10 -6.68
C MSE B 466 -2.96 23.43 -7.63
O MSE B 466 -1.79 23.22 -7.32
CB MSE B 466 -4.10 21.62 -6.25
CG MSE B 466 -4.93 21.37 -4.97
SE MSE B 466 -4.58 22.76 -3.57
CE MSE B 466 -2.64 22.46 -3.56
N GLY B 467 -3.30 23.95 -8.80
CA GLY B 467 -2.35 24.51 -9.74
C GLY B 467 -2.09 23.67 -10.99
N GLY B 468 -2.79 22.56 -11.13
CA GLY B 468 -2.61 21.63 -12.27
C GLY B 468 -1.18 21.16 -12.55
N LEU B 469 -0.44 20.80 -11.48
CA LEU B 469 0.97 20.27 -11.61
C LEU B 469 1.06 18.76 -11.34
N ALA B 470 2.20 18.16 -11.65
CA ALA B 470 2.29 16.72 -11.66
C ALA B 470 2.42 16.23 -10.19
N VAL B 471 1.99 14.99 -9.98
CA VAL B 471 1.88 14.38 -8.65
C VAL B 471 3.09 13.54 -8.27
N ASN B 472 4.17 13.62 -9.05
CA ASN B 472 5.44 12.94 -8.74
C ASN B 472 6.34 13.81 -7.86
N LEU B 473 6.02 15.08 -7.68
CA LEU B 473 6.87 16.01 -6.94
C LEU B 473 6.45 16.15 -5.47
N PRO B 474 7.27 15.65 -4.55
CA PRO B 474 6.75 15.82 -3.16
C PRO B 474 6.64 17.26 -2.61
N GLU B 475 5.51 17.55 -1.99
CA GLU B 475 5.27 18.75 -1.21
C GLU B 475 6.04 18.90 0.10
N CYS B 476 6.57 17.81 0.65
CA CYS B 476 7.10 17.76 2.03
C CYS B 476 8.62 17.80 2.07
FE1 SF4 C . -4.72 -12.78 -6.77
FE2 SF4 C . -1.83 -13.19 -6.00
FE3 SF4 C . -3.03 -10.42 -5.98
FE4 SF4 C . -2.52 -11.83 -8.61
S1 SF4 C . -1.32 -11.33 -6.90
S2 SF4 C . -4.21 -10.92 -7.68
S3 SF4 C . -3.03 -13.69 -7.70
S4 SF4 C . -3.53 -12.28 -5.08
FE1 SF4 D . 5.30 14.13 1.57
FE2 SF4 D . 2.34 14.16 2.16
FE3 SF4 D . 3.58 11.75 0.83
FE4 SF4 D . 3.31 14.34 -0.69
S1 SF4 D . 1.97 13.06 0.37
S2 SF4 D . 4.92 13.03 -0.22
S3 SF4 D . 3.68 15.44 1.10
S4 SF4 D . 3.96 12.85 2.63
CL CL E . 20.40 19.36 4.44
CL CL F . 1.22 35.47 -11.34
#